data_2W4B
#
_entry.id   2W4B
#
_cell.length_a   87.510
_cell.length_b   63.787
_cell.length_c   114.131
_cell.angle_alpha   90.00
_cell.angle_beta   93.59
_cell.angle_gamma   90.00
#
_symmetry.space_group_name_H-M   'P 1 21 1'
#
_entity_poly.entity_id   1
_entity_poly.type   'polypeptide(L)'
_entity_poly.pdbx_seq_one_letter_code
;MADVDELEDPMEEMTSYTFARFLRSPETEAFVRNLDRPPQMPAMRFVYLYCLCKQIQEFSGETGFCDFVSSLVQENDSKD
GPSLKSIYWGLQEATDEQRTVLCSYVESMTRGQSENLMWDILRNGIISSSKLLSTIKNGPTKVFEPAPISTNHYFGGPVA
FGLRCEDTVKDIVCKLICGDASANRQFGFMISPTDGIFGVSLSLCVNVESQGDFILFTDRSCIYEIKCRFKYLFSKSEFD
PIYPSYTALYKRPCKRSFIRFINSIARPTVEYVPDGRLPSEGDYLLTQDEAWNLKDVRKRKLGPGHDLVADSLAANRGVE
SMLYVMTDPSENAGRIGIKDRVPVNIFINPRHNYFYQVLLQYKIVGDYVRHSGGGKPGRDCSPRVNIVTAFFRKRSPLDP
ATCTLGSDLLLDASVEIPVAVLVTPVVLPDSVIRKTLSTAAGSWKAYADNTFDTAPWVPSGLFADDESTP
;
_entity_poly.pdbx_strand_id   A,B
#
# COMPACT_ATOMS: atom_id res chain seq x y z
N LEU A 7 12.93 -30.03 -34.67
CA LEU A 7 13.81 -29.74 -33.58
C LEU A 7 13.23 -28.60 -32.76
N GLU A 8 11.91 -28.52 -32.84
CA GLU A 8 11.16 -27.36 -32.41
C GLU A 8 10.17 -27.70 -31.35
N ASP A 9 10.13 -26.77 -30.44
CA ASP A 9 9.50 -26.68 -29.07
C ASP A 9 10.57 -26.83 -27.98
N PRO A 10 11.38 -25.76 -27.76
CA PRO A 10 12.47 -25.88 -26.77
C PRO A 10 11.98 -25.88 -25.33
N MET A 11 10.68 -25.65 -25.13
CA MET A 11 10.12 -25.74 -23.81
C MET A 11 9.88 -27.18 -23.39
N GLU A 12 9.76 -28.10 -24.36
CA GLU A 12 9.63 -29.57 -24.13
C GLU A 12 10.82 -30.06 -23.38
N GLU A 13 11.89 -29.25 -23.38
CA GLU A 13 13.22 -29.59 -22.85
C GLU A 13 13.48 -29.01 -21.48
N MET A 14 12.83 -27.88 -21.19
CA MET A 14 13.03 -27.13 -19.94
C MET A 14 12.30 -27.78 -18.77
N THR A 15 11.54 -28.85 -19.06
CA THR A 15 10.65 -29.50 -18.09
C THR A 15 11.38 -30.25 -16.99
N SER A 16 12.70 -30.22 -17.01
CA SER A 16 13.46 -30.80 -15.91
C SER A 16 13.83 -29.73 -14.90
N TYR A 17 13.69 -28.46 -15.31
CA TYR A 17 14.20 -27.33 -14.52
C TYR A 17 13.14 -26.68 -13.64
N THR A 18 12.64 -27.48 -12.69
CA THR A 18 11.59 -27.05 -11.79
C THR A 18 12.24 -26.47 -10.59
N PHE A 19 11.47 -25.81 -9.74
CA PHE A 19 12.01 -25.21 -8.52
C PHE A 19 12.74 -26.22 -7.67
N ALA A 20 12.10 -27.37 -7.44
CA ALA A 20 12.67 -28.44 -6.63
C ALA A 20 14.05 -28.82 -7.11
N ARG A 21 14.16 -29.10 -8.38
CA ARG A 21 15.43 -29.42 -9.00
C ARG A 21 16.52 -28.34 -8.85
N PHE A 22 16.16 -27.09 -9.12
CA PHE A 22 17.05 -25.98 -8.89
C PHE A 22 17.58 -26.02 -7.46
N LEU A 23 16.68 -26.10 -6.49
CA LEU A 23 17.07 -26.25 -5.09
C LEU A 23 18.05 -27.38 -4.87
N ARG A 24 18.03 -28.39 -5.75
CA ARG A 24 18.96 -29.56 -5.74
C ARG A 24 20.21 -29.54 -6.70
N SER A 25 20.44 -28.39 -7.33
CA SER A 25 21.52 -28.19 -8.26
C SER A 25 22.82 -28.04 -7.53
N PRO A 26 23.91 -28.40 -8.20
CA PRO A 26 25.24 -28.12 -7.67
C PRO A 26 25.50 -26.59 -7.65
N GLU A 27 25.18 -25.91 -8.78
CA GLU A 27 25.19 -24.45 -8.90
C GLU A 27 24.40 -23.76 -7.76
N THR A 28 23.23 -24.31 -7.39
CA THR A 28 22.44 -23.74 -6.26
C THR A 28 23.25 -23.75 -4.97
N GLU A 29 23.34 -24.95 -4.43
CA GLU A 29 24.27 -25.31 -3.39
C GLU A 29 25.53 -24.41 -3.37
N ALA A 30 26.07 -24.07 -4.56
CA ALA A 30 27.22 -23.12 -4.68
C ALA A 30 27.13 -21.93 -3.68
N PHE A 31 26.14 -21.04 -3.89
CA PHE A 31 26.03 -19.85 -3.03
C PHE A 31 25.50 -20.15 -1.63
N VAL A 32 24.58 -21.12 -1.54
CA VAL A 32 23.90 -21.44 -0.27
C VAL A 32 24.87 -22.03 0.75
N ARG A 33 25.97 -22.56 0.24
CA ARG A 33 27.10 -22.89 1.09
C ARG A 33 27.64 -21.64 1.87
N ASN A 34 27.88 -20.56 1.12
CA ASN A 34 28.59 -19.39 1.58
C ASN A 34 27.61 -18.32 2.06
N LEU A 35 26.39 -18.74 2.39
CA LEU A 35 25.41 -17.85 3.06
C LEU A 35 25.55 -17.95 4.58
N ASP A 36 25.45 -17.17 5.65
CA ASP A 36 25.19 -16.54 6.95
C ASP A 36 23.80 -16.95 7.41
N ARG A 37 23.04 -16.94 6.58
CA ARG A 37 21.69 -17.42 6.93
C ARG A 37 21.08 -18.53 6.08
N PRO A 38 20.34 -19.43 6.73
CA PRO A 38 19.42 -20.27 6.00
C PRO A 38 18.83 -19.44 4.90
N PRO A 39 18.88 -19.97 3.66
CA PRO A 39 18.48 -19.20 2.48
C PRO A 39 17.02 -18.73 2.59
N GLN A 40 16.77 -17.43 2.47
CA GLN A 40 15.46 -16.86 2.74
C GLN A 40 14.51 -16.93 1.56
N MET A 41 13.22 -16.82 1.80
CA MET A 41 12.27 -17.28 0.79
C MET A 41 11.11 -16.35 0.40
N PRO A 42 11.41 -15.28 -0.28
CA PRO A 42 10.86 -15.16 -1.66
C PRO A 42 12.10 -15.08 -2.57
N ALA A 43 13.21 -14.64 -1.97
CA ALA A 43 14.48 -14.52 -2.64
C ALA A 43 14.80 -15.78 -3.45
N MET A 44 14.75 -16.94 -2.81
CA MET A 44 15.10 -18.20 -3.43
C MET A 44 14.23 -18.49 -4.60
N ARG A 45 12.98 -18.12 -4.52
CA ARG A 45 12.07 -18.40 -5.60
C ARG A 45 12.40 -17.47 -6.71
N PHE A 46 12.77 -16.26 -6.39
CA PHE A 46 13.03 -15.30 -7.43
C PHE A 46 14.31 -15.60 -8.13
N VAL A 47 15.31 -16.11 -7.42
CA VAL A 47 16.58 -16.53 -8.04
C VAL A 47 16.32 -17.65 -9.04
N TYR A 48 15.61 -18.71 -8.62
CA TYR A 48 15.17 -19.77 -9.53
C TYR A 48 14.55 -19.20 -10.80
N LEU A 49 13.49 -18.39 -10.67
CA LEU A 49 12.85 -17.69 -11.80
C LEU A 49 13.86 -17.00 -12.76
N TYR A 50 14.82 -16.27 -12.20
CA TYR A 50 15.91 -15.68 -12.93
C TYR A 50 16.65 -16.73 -13.71
N CYS A 51 16.90 -17.89 -13.14
CA CYS A 51 17.70 -18.92 -13.81
C CYS A 51 16.99 -19.67 -14.89
N LEU A 52 15.71 -19.90 -14.68
CA LEU A 52 14.82 -20.53 -15.68
C LEU A 52 14.62 -19.63 -16.91
N CYS A 53 14.54 -18.32 -16.62
CA CYS A 53 14.46 -17.27 -17.61
C CYS A 53 15.69 -17.12 -18.42
N LYS A 54 16.85 -17.12 -17.77
CA LYS A 54 18.12 -16.99 -18.46
C LYS A 54 18.20 -18.03 -19.60
N GLN A 55 17.76 -19.25 -19.30
CA GLN A 55 17.66 -20.28 -20.30
C GLN A 55 16.54 -20.03 -21.29
N ILE A 56 15.33 -19.84 -20.79
CA ILE A 56 14.19 -19.65 -21.69
C ILE A 56 14.33 -18.46 -22.66
N GLN A 57 14.85 -17.34 -22.16
CA GLN A 57 14.86 -16.07 -22.89
C GLN A 57 15.55 -16.21 -24.23
N GLU A 58 16.54 -17.10 -24.30
CA GLU A 58 17.20 -17.43 -25.59
C GLU A 58 16.20 -17.67 -26.74
N PHE A 59 15.41 -18.71 -26.59
CA PHE A 59 14.55 -19.15 -27.68
C PHE A 59 13.19 -18.47 -27.64
N SER A 60 13.01 -17.52 -26.74
CA SER A 60 11.74 -16.79 -26.65
C SER A 60 11.93 -15.26 -26.77
N GLY A 61 13.18 -14.80 -26.84
CA GLY A 61 13.53 -13.39 -27.12
C GLY A 61 13.26 -12.29 -26.09
N GLU A 62 12.23 -12.50 -25.27
CA GLU A 62 11.79 -11.61 -24.18
C GLU A 62 12.83 -11.64 -23.04
N THR A 63 13.61 -10.57 -22.93
CA THR A 63 14.71 -10.58 -21.96
C THR A 63 14.26 -9.91 -20.64
N GLY A 64 13.05 -9.36 -20.69
CA GLY A 64 12.50 -8.41 -19.72
C GLY A 64 12.60 -8.67 -18.23
N PHE A 65 12.17 -9.86 -17.83
CA PHE A 65 12.27 -10.31 -16.42
C PHE A 65 13.68 -10.14 -15.87
N CYS A 66 14.66 -10.63 -16.63
CA CYS A 66 16.06 -10.60 -16.25
C CYS A 66 16.67 -9.23 -16.16
N ASP A 67 16.25 -8.36 -17.04
CA ASP A 67 16.74 -7.03 -16.98
C ASP A 67 16.28 -6.35 -15.73
N PHE A 68 15.09 -6.72 -15.26
CA PHE A 68 14.69 -6.24 -13.96
C PHE A 68 15.62 -6.76 -12.87
N VAL A 69 15.72 -8.09 -12.71
CA VAL A 69 16.65 -8.68 -11.75
C VAL A 69 18.02 -8.01 -11.86
N SER A 70 18.47 -7.68 -13.08
CA SER A 70 19.78 -7.06 -13.31
C SER A 70 19.89 -5.66 -12.75
N SER A 71 18.90 -4.84 -13.01
CA SER A 71 18.85 -3.50 -12.47
C SER A 71 18.80 -3.46 -10.95
N LEU A 72 18.54 -4.61 -10.32
CA LEU A 72 18.53 -4.71 -8.86
C LEU A 72 19.91 -4.89 -8.26
N VAL A 73 20.85 -5.40 -9.05
CA VAL A 73 22.22 -5.58 -8.55
C VAL A 73 23.18 -4.68 -9.26
N GLN A 74 23.96 -3.93 -8.49
CA GLN A 74 24.92 -2.95 -9.03
C GLN A 74 26.19 -2.90 -8.17
N ASP A 80 28.38 -10.51 -18.71
CA ASP A 80 28.40 -11.97 -18.72
C ASP A 80 27.36 -12.69 -17.78
N GLY A 81 26.50 -11.92 -17.10
CA GLY A 81 25.64 -12.41 -15.99
C GLY A 81 26.32 -12.23 -14.62
N PRO A 82 25.57 -11.79 -13.56
CA PRO A 82 26.18 -11.69 -12.23
C PRO A 82 26.06 -13.01 -11.48
N SER A 83 26.95 -13.21 -10.50
CA SER A 83 27.05 -14.49 -9.79
C SER A 83 25.85 -14.67 -8.90
N LEU A 84 25.35 -15.90 -8.78
CA LEU A 84 24.20 -16.19 -7.94
C LEU A 84 24.19 -15.51 -6.56
N LYS A 85 25.36 -15.30 -5.98
CA LYS A 85 25.41 -14.60 -4.72
C LYS A 85 25.03 -13.13 -4.88
N SER A 86 25.48 -12.48 -5.97
CA SER A 86 25.13 -11.06 -6.24
C SER A 86 23.64 -10.96 -6.41
N ILE A 87 23.09 -11.95 -7.09
CA ILE A 87 21.68 -12.02 -7.46
C ILE A 87 20.80 -12.42 -6.30
N TYR A 88 21.11 -13.54 -5.65
CA TYR A 88 20.39 -13.85 -4.41
C TYR A 88 20.35 -12.63 -3.50
N TRP A 89 21.33 -11.75 -3.55
CA TRP A 89 21.47 -10.72 -2.52
C TRP A 89 20.84 -9.44 -2.88
N GLY A 90 20.70 -9.19 -4.14
CA GLY A 90 19.97 -8.01 -4.55
C GLY A 90 18.48 -8.25 -4.46
N LEU A 91 18.06 -9.51 -4.65
CA LEU A 91 16.67 -9.94 -4.54
C LEU A 91 16.22 -10.00 -3.08
N GLN A 92 17.18 -10.31 -2.19
CA GLN A 92 16.98 -10.26 -0.73
C GLN A 92 16.76 -8.85 -0.19
N GLU A 93 17.29 -7.84 -0.87
CA GLU A 93 17.27 -6.45 -0.44
C GLU A 93 16.18 -5.63 -1.15
N ALA A 94 15.49 -6.27 -2.09
CA ALA A 94 14.48 -5.62 -2.95
C ALA A 94 13.29 -5.11 -2.16
N THR A 95 12.68 -4.03 -2.65
CA THR A 95 11.47 -3.47 -2.04
C THR A 95 10.26 -4.19 -2.58
N ASP A 96 9.21 -4.33 -1.79
CA ASP A 96 8.07 -5.09 -2.27
C ASP A 96 7.49 -4.71 -3.65
N GLU A 97 7.43 -3.40 -3.98
CA GLU A 97 7.03 -2.96 -5.34
C GLU A 97 7.83 -3.71 -6.38
N GLN A 98 9.15 -3.73 -6.18
CA GLN A 98 10.05 -4.40 -7.09
C GLN A 98 9.80 -5.87 -7.17
N ARG A 99 9.48 -6.47 -6.02
CA ARG A 99 9.09 -7.85 -6.04
C ARG A 99 7.86 -7.98 -6.90
N THR A 100 6.84 -7.15 -6.66
CA THR A 100 5.57 -7.42 -7.33
C THR A 100 5.69 -7.15 -8.84
N VAL A 101 6.60 -6.26 -9.22
CA VAL A 101 6.96 -6.09 -10.64
C VAL A 101 7.38 -7.45 -11.24
N LEU A 102 8.44 -8.03 -10.67
CA LEU A 102 8.92 -9.37 -11.06
C LEU A 102 7.80 -10.42 -11.19
N CYS A 103 6.82 -10.40 -10.29
CA CYS A 103 5.73 -11.36 -10.31
C CYS A 103 4.81 -11.15 -11.43
N SER A 104 4.68 -9.90 -11.85
CA SER A 104 3.76 -9.58 -12.92
C SER A 104 4.50 -9.48 -14.23
N TYR A 105 5.82 -9.63 -14.19
CA TYR A 105 6.56 -10.05 -15.37
C TYR A 105 6.17 -11.46 -15.67
N VAL A 106 6.36 -12.36 -14.69
CA VAL A 106 5.89 -13.75 -14.76
C VAL A 106 4.39 -13.92 -15.05
N GLU A 107 3.58 -12.92 -14.72
CA GLU A 107 2.16 -13.04 -15.00
C GLU A 107 1.89 -12.78 -16.46
N SER A 108 2.36 -11.64 -16.93
CA SER A 108 2.20 -11.28 -18.33
C SER A 108 2.92 -12.26 -19.24
N MET A 109 4.04 -12.78 -18.76
CA MET A 109 4.79 -13.79 -19.46
C MET A 109 4.01 -15.10 -19.65
N THR A 110 2.96 -15.31 -18.84
CA THR A 110 2.16 -16.53 -18.93
C THR A 110 0.76 -16.17 -19.37
N ARG A 111 0.35 -14.92 -19.36
CA ARG A 111 -1.03 -14.64 -19.72
C ARG A 111 -1.59 -15.37 -20.90
N GLY A 112 -0.82 -15.51 -21.93
CA GLY A 112 -1.41 -15.98 -23.15
C GLY A 112 -1.90 -17.40 -23.12
N GLN A 113 -1.11 -18.27 -22.53
CA GLN A 113 -1.17 -19.67 -22.78
C GLN A 113 -1.15 -20.50 -21.52
N SER A 114 -2.31 -20.94 -21.04
CA SER A 114 -2.40 -21.74 -19.84
C SER A 114 -2.09 -23.15 -20.24
N GLU A 115 -2.09 -23.28 -21.54
CA GLU A 115 -1.76 -24.46 -22.36
C GLU A 115 -0.26 -24.67 -22.42
N ASN A 116 0.52 -23.61 -22.27
CA ASN A 116 1.97 -23.73 -22.36
C ASN A 116 2.58 -24.60 -21.30
N LEU A 117 3.82 -24.99 -21.50
CA LEU A 117 4.45 -25.94 -20.61
C LEU A 117 5.13 -25.21 -19.49
N MET A 118 5.33 -23.90 -19.66
CA MET A 118 5.99 -23.15 -18.62
C MET A 118 5.04 -22.99 -17.48
N TRP A 119 3.75 -22.88 -17.79
CA TRP A 119 2.76 -22.77 -16.73
C TRP A 119 3.01 -23.88 -15.71
N ASP A 120 3.35 -25.06 -16.21
CA ASP A 120 3.62 -26.22 -15.37
C ASP A 120 4.89 -26.20 -14.56
N ILE A 121 6.01 -25.83 -15.20
CA ILE A 121 7.33 -25.77 -14.55
C ILE A 121 7.31 -24.82 -13.35
N LEU A 122 6.62 -23.69 -13.54
CA LEU A 122 6.41 -22.68 -12.51
C LEU A 122 5.58 -23.21 -11.34
N ARG A 123 4.68 -24.15 -11.60
CA ARG A 123 3.75 -24.66 -10.59
C ARG A 123 4.37 -25.63 -9.61
N ASN A 124 5.55 -26.11 -9.93
CA ASN A 124 6.21 -27.01 -9.03
C ASN A 124 6.80 -26.31 -7.81
N GLY A 125 6.21 -26.55 -6.65
CA GLY A 125 6.76 -26.04 -5.43
C GLY A 125 5.92 -24.87 -4.99
N ILE A 126 4.88 -24.61 -5.75
CA ILE A 126 3.96 -23.55 -5.41
C ILE A 126 2.61 -24.11 -4.95
N ILE A 127 2.15 -23.69 -3.75
CA ILE A 127 0.81 -24.00 -3.27
C ILE A 127 -0.16 -23.11 -4.03
N SER A 128 -0.76 -23.69 -5.05
CA SER A 128 -1.74 -23.06 -5.89
C SER A 128 -2.98 -22.84 -5.07
N SER A 129 -3.91 -22.00 -5.50
CA SER A 129 -5.12 -21.81 -4.66
C SER A 129 -6.09 -23.02 -4.70
N SER A 130 -6.21 -23.68 -5.85
CA SER A 130 -7.05 -24.87 -5.97
C SER A 130 -6.57 -25.99 -5.05
N LYS A 131 -5.30 -25.90 -4.69
CA LYS A 131 -4.65 -26.92 -3.89
C LYS A 131 -4.35 -26.53 -2.44
N LEU A 132 -4.91 -25.42 -1.96
CA LEU A 132 -4.60 -24.93 -0.62
C LEU A 132 -5.30 -25.74 0.46
N LEU A 133 -6.58 -26.02 0.26
CA LEU A 133 -7.34 -26.82 1.23
C LEU A 133 -6.86 -28.27 1.21
N SER A 134 -6.52 -28.77 0.03
CA SER A 134 -5.95 -30.11 -0.03
C SER A 134 -4.62 -30.14 0.65
N THR A 135 -3.88 -29.06 0.50
CA THR A 135 -2.51 -29.01 0.96
C THR A 135 -2.56 -28.95 2.47
N ILE A 136 -3.57 -28.25 3.01
CA ILE A 136 -3.77 -28.19 4.45
C ILE A 136 -4.11 -29.58 4.95
N LYS A 137 -5.09 -30.22 4.31
CA LYS A 137 -5.50 -31.52 4.77
C LYS A 137 -4.51 -32.63 4.46
N ASN A 138 -3.89 -32.68 3.31
CA ASN A 138 -3.01 -33.80 3.05
C ASN A 138 -1.52 -33.54 3.00
N GLY A 139 -1.13 -32.30 3.03
CA GLY A 139 0.30 -31.98 2.95
C GLY A 139 0.80 -31.84 1.52
N PRO A 140 2.01 -31.29 1.36
CA PRO A 140 2.42 -30.64 0.10
C PRO A 140 3.10 -31.49 -0.95
N THR A 141 2.85 -32.81 -0.96
CA THR A 141 3.66 -33.66 -1.84
C THR A 141 3.20 -33.56 -3.27
N LYS A 142 1.87 -33.54 -3.44
CA LYS A 142 1.22 -33.38 -4.74
C LYS A 142 1.67 -32.06 -5.39
N VAL A 143 2.06 -31.12 -4.53
CA VAL A 143 2.51 -29.78 -4.90
C VAL A 143 3.97 -29.75 -5.34
N PHE A 144 4.71 -30.82 -5.03
CA PHE A 144 6.02 -31.03 -5.61
C PHE A 144 6.01 -32.16 -6.67
N GLU A 145 4.86 -32.38 -7.33
CA GLU A 145 4.61 -33.44 -8.36
C GLU A 145 4.14 -33.00 -9.77
N PRO A 146 4.69 -33.64 -10.85
CA PRO A 146 4.29 -33.35 -12.25
C PRO A 146 2.77 -33.47 -12.51
N ALA A 147 2.23 -32.72 -13.47
CA ALA A 147 0.79 -32.77 -13.75
C ALA A 147 0.50 -33.35 -15.15
N PRO A 148 -0.20 -34.52 -15.21
CA PRO A 148 -0.62 -35.31 -16.42
C PRO A 148 -1.04 -34.55 -17.71
N ILE A 149 -1.18 -35.32 -18.80
CA ILE A 149 -1.75 -34.88 -20.09
C ILE A 149 -3.09 -34.09 -19.96
N SER A 150 -3.83 -34.41 -18.87
CA SER A 150 -5.32 -34.43 -18.82
C SER A 150 -5.73 -35.24 -20.07
N THR A 151 -6.24 -34.54 -21.08
CA THR A 151 -5.92 -34.80 -22.49
C THR A 151 -6.17 -33.44 -23.15
N ASN A 152 -7.45 -33.17 -23.42
CA ASN A 152 -7.96 -32.02 -24.18
C ASN A 152 -8.51 -32.46 -25.54
N HIS A 153 -8.46 -33.76 -25.76
CA HIS A 153 -8.84 -34.39 -27.01
C HIS A 153 -10.34 -34.44 -27.19
N TYR A 154 -10.97 -35.50 -26.67
CA TYR A 154 -12.42 -35.54 -26.75
C TYR A 154 -13.09 -35.40 -25.37
N PHE A 155 -12.57 -34.51 -24.55
CA PHE A 155 -13.29 -34.08 -23.40
C PHE A 155 -14.75 -34.29 -23.81
N GLY A 156 -15.61 -34.71 -22.90
CA GLY A 156 -17.04 -34.71 -23.17
C GLY A 156 -18.06 -34.57 -22.04
N GLY A 157 -17.71 -34.07 -20.86
CA GLY A 157 -18.66 -34.07 -19.75
C GLY A 157 -18.63 -32.93 -18.77
N PRO A 158 -18.82 -33.14 -17.48
CA PRO A 158 -18.81 -32.00 -16.56
C PRO A 158 -17.64 -31.04 -16.75
N VAL A 159 -16.46 -31.56 -17.08
CA VAL A 159 -15.27 -30.70 -17.14
C VAL A 159 -15.18 -29.97 -18.46
N ALA A 160 -15.67 -30.59 -19.52
CA ALA A 160 -15.83 -29.92 -20.78
C ALA A 160 -16.90 -28.84 -20.66
N PHE A 161 -18.00 -29.12 -19.98
CA PHE A 161 -19.04 -28.12 -19.73
C PHE A 161 -18.43 -26.93 -19.05
N GLY A 162 -17.54 -27.18 -18.09
CA GLY A 162 -16.84 -26.11 -17.39
C GLY A 162 -16.20 -25.10 -18.33
N LEU A 163 -15.31 -25.60 -19.16
CA LEU A 163 -14.48 -24.75 -20.01
C LEU A 163 -15.32 -24.06 -21.07
N ARG A 164 -16.16 -24.84 -21.75
CA ARG A 164 -17.01 -24.35 -22.83
C ARG A 164 -17.82 -23.12 -22.49
N CYS A 165 -18.19 -22.98 -21.21
CA CYS A 165 -19.08 -21.90 -20.74
C CYS A 165 -18.47 -20.80 -19.95
N GLU A 166 -17.33 -21.06 -19.34
CA GLU A 166 -16.81 -20.12 -18.36
C GLU A 166 -16.50 -18.74 -18.99
N ASP A 167 -16.48 -18.72 -20.33
CA ASP A 167 -16.55 -17.47 -21.12
C ASP A 167 -17.86 -16.70 -21.00
N THR A 168 -18.91 -17.22 -21.64
CA THR A 168 -20.26 -16.65 -21.60
C THR A 168 -20.68 -16.04 -20.25
N VAL A 169 -20.23 -16.66 -19.16
CA VAL A 169 -20.56 -16.18 -17.82
C VAL A 169 -19.75 -14.91 -17.47
N LYS A 170 -18.51 -14.82 -17.95
CA LYS A 170 -17.75 -13.58 -17.92
C LYS A 170 -18.46 -12.50 -18.72
N ASP A 171 -18.83 -12.79 -19.95
CA ASP A 171 -19.62 -11.87 -20.80
C ASP A 171 -20.80 -11.31 -20.05
N ILE A 172 -21.57 -12.16 -19.36
CA ILE A 172 -22.70 -11.72 -18.56
C ILE A 172 -22.25 -10.85 -17.39
N VAL A 173 -21.28 -11.31 -16.59
CA VAL A 173 -20.76 -10.56 -15.43
C VAL A 173 -20.27 -9.17 -15.84
N CYS A 174 -19.31 -9.11 -16.76
CA CYS A 174 -18.83 -7.85 -17.34
C CYS A 174 -19.90 -7.01 -17.95
N LYS A 175 -20.54 -7.45 -19.02
CA LYS A 175 -21.43 -6.60 -19.77
C LYS A 175 -22.72 -6.24 -19.00
N LEU A 176 -23.35 -7.23 -18.40
CA LEU A 176 -24.69 -7.00 -17.85
C LEU A 176 -24.66 -6.55 -16.40
N ILE A 177 -23.95 -7.27 -15.54
CA ILE A 177 -24.02 -7.06 -14.10
C ILE A 177 -23.35 -5.76 -13.68
N CYS A 178 -22.14 -5.52 -14.15
CA CYS A 178 -21.53 -4.19 -14.10
C CYS A 178 -21.45 -3.71 -15.53
N GLY A 179 -21.94 -2.51 -15.84
CA GLY A 179 -22.24 -2.15 -17.22
C GLY A 179 -21.14 -2.08 -18.28
N ASP A 180 -20.09 -2.91 -18.21
CA ASP A 180 -18.97 -2.74 -19.15
C ASP A 180 -18.28 -4.04 -19.68
N ALA A 181 -18.14 -4.19 -21.00
CA ALA A 181 -17.43 -5.37 -21.59
C ALA A 181 -15.90 -5.22 -21.73
N SER A 182 -15.39 -3.98 -21.71
CA SER A 182 -13.92 -3.69 -21.68
C SER A 182 -13.31 -3.99 -20.27
N ALA A 183 -13.04 -5.28 -20.03
CA ALA A 183 -12.51 -5.76 -18.77
C ALA A 183 -11.57 -6.88 -19.09
N ASN A 184 -10.49 -6.94 -18.31
CA ASN A 184 -9.45 -7.96 -18.49
C ASN A 184 -9.92 -9.37 -18.01
N ARG A 185 -9.89 -10.34 -18.92
CA ARG A 185 -10.46 -11.65 -18.66
C ARG A 185 -9.37 -12.70 -18.68
N GLN A 186 -8.30 -12.42 -19.41
CA GLN A 186 -7.10 -13.26 -19.51
C GLN A 186 -6.14 -12.90 -18.41
N PHE A 187 -5.79 -13.86 -17.58
CA PHE A 187 -4.84 -13.63 -16.49
C PHE A 187 -3.74 -14.66 -16.49
N GLY A 188 -2.51 -14.22 -16.34
CA GLY A 188 -1.42 -15.17 -16.23
C GLY A 188 -1.38 -15.92 -14.90
N PHE A 189 -0.17 -16.36 -14.54
CA PHE A 189 0.07 -16.94 -13.23
C PHE A 189 0.70 -15.92 -12.25
N MET A 190 -0.01 -15.66 -11.15
CA MET A 190 0.42 -14.65 -10.20
C MET A 190 0.96 -15.30 -8.95
N ILE A 191 2.29 -15.25 -8.78
CA ILE A 191 2.95 -15.71 -7.57
C ILE A 191 2.68 -14.67 -6.49
N SER A 192 2.43 -15.09 -5.24
CA SER A 192 2.35 -14.12 -4.13
C SER A 192 3.74 -13.60 -3.88
N PRO A 193 3.90 -12.27 -4.06
CA PRO A 193 5.16 -11.54 -4.22
C PRO A 193 5.94 -11.48 -2.94
N THR A 194 5.20 -11.37 -1.86
CA THR A 194 5.74 -11.31 -0.52
C THR A 194 6.13 -12.66 0.07
N ASP A 195 5.82 -13.77 -0.58
CA ASP A 195 6.13 -15.09 0.00
C ASP A 195 6.72 -16.11 -0.94
N GLY A 196 6.36 -16.05 -2.22
CA GLY A 196 6.96 -16.94 -3.23
C GLY A 196 6.60 -18.39 -3.08
N ILE A 197 5.64 -18.63 -2.18
CA ILE A 197 5.11 -19.96 -1.85
C ILE A 197 3.75 -20.21 -2.52
N PHE A 198 2.83 -19.23 -2.42
CA PHE A 198 1.49 -19.35 -3.00
C PHE A 198 1.34 -18.80 -4.41
N GLY A 199 0.35 -19.28 -5.12
CA GLY A 199 0.15 -18.87 -6.50
C GLY A 199 -1.33 -18.76 -6.72
N VAL A 200 -1.72 -17.98 -7.71
CA VAL A 200 -3.11 -17.77 -8.04
C VAL A 200 -3.22 -17.50 -9.53
N SER A 201 -4.32 -17.96 -10.12
CA SER A 201 -4.76 -17.54 -11.48
C SER A 201 -6.19 -17.12 -11.35
N LEU A 202 -6.46 -15.87 -11.73
CA LEU A 202 -7.82 -15.33 -11.62
C LEU A 202 -8.73 -15.85 -12.70
N SER A 203 -10.00 -16.06 -12.35
CA SER A 203 -11.03 -16.23 -13.36
C SER A 203 -11.28 -14.86 -14.05
N LEU A 204 -11.99 -14.00 -13.35
CA LEU A 204 -12.31 -12.72 -13.90
C LEU A 204 -11.99 -11.79 -12.80
N CYS A 205 -11.76 -10.55 -13.18
CA CYS A 205 -11.54 -9.51 -12.22
C CYS A 205 -11.84 -8.19 -12.90
N VAL A 206 -12.70 -7.40 -12.26
CA VAL A 206 -13.14 -6.12 -12.84
C VAL A 206 -12.44 -4.89 -12.22
N ASN A 207 -12.37 -3.80 -12.98
CA ASN A 207 -11.64 -2.59 -12.57
C ASN A 207 -10.13 -2.76 -12.52
N VAL A 208 -9.58 -3.42 -13.53
CA VAL A 208 -8.15 -3.59 -13.63
C VAL A 208 -7.70 -2.64 -14.72
N GLU A 209 -6.53 -2.04 -14.56
CA GLU A 209 -6.00 -1.16 -15.58
C GLU A 209 -4.72 -1.75 -16.14
N SER A 210 -4.10 -1.06 -17.12
CA SER A 210 -2.90 -1.55 -17.81
C SER A 210 -1.62 -0.72 -17.60
N GLN A 211 -0.51 -1.31 -18.04
CA GLN A 211 0.80 -0.67 -18.16
C GLN A 211 1.42 -1.27 -19.39
N GLY A 212 0.81 -1.06 -20.55
CA GLY A 212 1.17 -1.88 -21.70
C GLY A 212 1.00 -3.31 -21.25
N ASP A 213 2.12 -4.03 -21.05
CA ASP A 213 2.13 -5.49 -20.78
C ASP A 213 1.58 -5.92 -19.43
N PHE A 214 1.62 -4.99 -18.48
CA PHE A 214 1.24 -5.25 -17.11
C PHE A 214 -0.26 -5.01 -16.89
N ILE A 215 -0.79 -5.63 -15.85
CA ILE A 215 -2.17 -5.41 -15.40
C ILE A 215 -2.11 -4.80 -14.01
N LEU A 216 -2.49 -3.54 -13.91
CA LEU A 216 -2.50 -2.82 -12.67
C LEU A 216 -3.86 -3.01 -11.96
N PHE A 217 -3.89 -3.84 -10.90
CA PHE A 217 -5.06 -3.97 -10.06
C PHE A 217 -5.23 -2.70 -9.28
N THR A 218 -6.38 -2.06 -9.44
CA THR A 218 -6.71 -0.86 -8.67
C THR A 218 -7.38 -1.30 -7.36
N ASP A 219 -7.84 -0.36 -6.55
CA ASP A 219 -8.55 -0.77 -5.34
C ASP A 219 -10.09 -0.77 -5.45
N ARG A 220 -10.55 -0.69 -6.67
CA ARG A 220 -11.92 -0.96 -6.96
C ARG A 220 -11.99 -2.24 -7.74
N SER A 221 -11.03 -3.12 -7.52
CA SER A 221 -11.04 -4.48 -8.05
C SER A 221 -12.12 -5.41 -7.48
N CYS A 222 -12.75 -6.15 -8.37
CA CYS A 222 -13.72 -7.15 -8.00
C CYS A 222 -13.37 -8.46 -8.65
N ILE A 223 -13.11 -9.44 -7.80
CA ILE A 223 -12.78 -10.77 -8.23
C ILE A 223 -14.09 -11.55 -8.39
N TYR A 224 -14.16 -12.37 -9.43
CA TYR A 224 -15.30 -13.25 -9.63
C TYR A 224 -14.92 -14.70 -9.93
N GLU A 225 -14.95 -15.58 -8.94
CA GLU A 225 -14.73 -17.01 -9.17
C GLU A 225 -15.94 -17.58 -9.95
N ILE A 226 -15.73 -18.15 -11.14
CA ILE A 226 -16.83 -18.79 -11.88
C ILE A 226 -16.98 -20.34 -11.72
N LYS A 227 -18.22 -20.78 -11.44
CA LYS A 227 -18.60 -22.18 -11.42
C LYS A 227 -19.88 -22.34 -12.20
N CYS A 228 -19.90 -23.27 -13.16
CA CYS A 228 -21.13 -23.64 -13.90
C CYS A 228 -21.66 -24.94 -13.39
N ARG A 229 -22.90 -24.97 -12.94
CA ARG A 229 -23.34 -26.12 -12.19
C ARG A 229 -23.90 -27.12 -13.15
N PHE A 230 -23.07 -28.07 -13.50
CA PHE A 230 -23.43 -29.01 -14.51
C PHE A 230 -24.58 -29.85 -13.99
N LYS A 231 -24.64 -30.11 -12.68
CA LYS A 231 -25.69 -30.96 -12.13
C LYS A 231 -27.11 -30.36 -12.30
N TYR A 232 -27.13 -29.08 -12.70
CA TYR A 232 -28.36 -28.30 -12.90
C TYR A 232 -28.69 -28.12 -14.39
N LEU A 233 -28.08 -28.95 -15.24
CA LEU A 233 -28.31 -28.84 -16.67
C LEU A 233 -29.62 -29.53 -16.90
N PHE A 234 -30.38 -29.08 -17.89
CA PHE A 234 -31.75 -29.56 -18.13
C PHE A 234 -32.26 -29.10 -19.48
N SER A 235 -33.37 -29.69 -19.93
CA SER A 235 -33.95 -29.35 -21.23
C SER A 235 -35.34 -28.70 -21.14
N LYS A 236 -35.61 -27.74 -22.04
CA LYS A 236 -36.97 -27.18 -22.25
C LYS A 236 -37.80 -28.28 -22.87
N SER A 237 -38.19 -29.27 -22.08
CA SER A 237 -38.95 -30.44 -22.56
C SER A 237 -39.79 -31.24 -21.55
N GLU A 238 -41.09 -31.37 -21.77
CA GLU A 238 -41.91 -32.13 -20.87
C GLU A 238 -41.10 -33.28 -20.46
N PHE A 239 -41.30 -33.73 -19.24
CA PHE A 239 -40.56 -34.86 -18.73
C PHE A 239 -39.25 -34.46 -18.14
N ASP A 240 -38.60 -33.43 -18.64
CA ASP A 240 -37.43 -33.13 -17.83
C ASP A 240 -37.86 -32.69 -16.42
N PRO A 241 -37.14 -33.10 -15.38
CA PRO A 241 -37.48 -32.88 -13.96
C PRO A 241 -37.24 -31.48 -13.38
N ILE A 242 -36.29 -30.73 -13.91
CA ILE A 242 -35.97 -29.41 -13.40
C ILE A 242 -36.85 -28.41 -14.12
N TYR A 243 -37.09 -28.66 -15.39
CA TYR A 243 -37.82 -27.75 -16.25
C TYR A 243 -39.05 -27.03 -15.60
N PRO A 244 -39.98 -27.77 -14.94
CA PRO A 244 -41.19 -27.20 -14.36
C PRO A 244 -40.93 -26.13 -13.31
N SER A 245 -40.11 -26.49 -12.34
CA SER A 245 -39.69 -25.60 -11.26
C SER A 245 -38.97 -24.37 -11.78
N TYR A 246 -38.40 -24.50 -12.97
CA TYR A 246 -37.73 -23.42 -13.65
C TYR A 246 -38.70 -22.45 -14.30
N THR A 247 -39.72 -22.97 -15.01
CA THR A 247 -40.70 -22.09 -15.69
C THR A 247 -41.49 -21.34 -14.64
N ALA A 248 -41.69 -21.98 -13.48
CA ALA A 248 -42.12 -21.27 -12.26
C ALA A 248 -41.17 -20.15 -11.82
N LEU A 249 -39.88 -20.42 -11.68
CA LEU A 249 -38.93 -19.34 -11.42
C LEU A 249 -39.09 -18.20 -12.41
N TYR A 250 -39.09 -18.54 -13.69
CA TYR A 250 -39.13 -17.58 -14.76
C TYR A 250 -40.27 -16.65 -14.49
N LYS A 251 -41.48 -17.21 -14.43
CA LYS A 251 -42.71 -16.41 -14.33
C LYS A 251 -42.86 -15.67 -13.03
N ARG A 252 -42.48 -16.30 -11.93
CA ARG A 252 -42.56 -15.64 -10.62
C ARG A 252 -41.25 -15.67 -9.86
N PRO A 253 -40.33 -14.78 -10.25
CA PRO A 253 -38.99 -14.81 -9.69
C PRO A 253 -39.00 -14.33 -8.26
N CYS A 254 -38.43 -15.13 -7.36
CA CYS A 254 -38.24 -14.73 -5.95
C CYS A 254 -37.64 -15.84 -5.10
N LYS A 255 -37.39 -15.57 -3.82
CA LYS A 255 -36.89 -16.56 -2.90
C LYS A 255 -37.67 -17.86 -3.03
N ARG A 256 -38.96 -17.82 -2.73
CA ARG A 256 -39.82 -19.02 -2.79
C ARG A 256 -39.66 -19.91 -4.02
N SER A 257 -39.75 -19.29 -5.21
CA SER A 257 -39.57 -19.96 -6.49
C SER A 257 -38.17 -20.56 -6.67
N PHE A 258 -37.17 -19.79 -6.28
CA PHE A 258 -35.79 -20.16 -6.43
C PHE A 258 -35.42 -21.31 -5.47
N ILE A 259 -36.08 -21.37 -4.31
CA ILE A 259 -35.80 -22.49 -3.38
C ILE A 259 -36.15 -23.78 -4.06
N ARG A 260 -37.34 -23.84 -4.65
CA ARG A 260 -37.83 -25.02 -5.37
C ARG A 260 -36.93 -25.47 -6.50
N PHE A 261 -36.32 -24.48 -7.19
CA PHE A 261 -35.36 -24.70 -8.28
C PHE A 261 -34.12 -25.32 -7.69
N ILE A 262 -33.43 -24.60 -6.81
CA ILE A 262 -32.26 -25.15 -6.16
C ILE A 262 -32.49 -26.60 -5.74
N ASN A 263 -33.68 -26.87 -5.21
CA ASN A 263 -34.07 -28.17 -4.63
C ASN A 263 -34.65 -29.16 -5.58
N SER A 264 -34.54 -28.91 -6.89
CA SER A 264 -35.17 -29.79 -7.89
C SER A 264 -34.26 -30.93 -8.31
N ILE A 265 -33.07 -30.98 -7.75
CA ILE A 265 -32.15 -32.07 -8.07
C ILE A 265 -31.84 -32.87 -6.81
N ALA A 266 -31.20 -34.03 -6.97
CA ALA A 266 -31.02 -34.99 -5.88
C ALA A 266 -30.16 -34.41 -4.81
N ARG A 267 -29.10 -33.73 -5.22
CA ARG A 267 -28.16 -33.11 -4.34
C ARG A 267 -28.12 -31.60 -4.46
N PRO A 268 -28.94 -30.88 -3.71
CA PRO A 268 -29.01 -29.43 -3.92
C PRO A 268 -27.75 -28.69 -3.48
N THR A 269 -27.46 -27.57 -4.13
CA THR A 269 -26.26 -26.78 -3.92
C THR A 269 -26.30 -25.76 -2.77
N VAL A 270 -27.49 -25.41 -2.29
CA VAL A 270 -27.59 -24.63 -1.06
C VAL A 270 -27.96 -25.58 0.08
N GLU A 271 -27.47 -25.30 1.27
CA GLU A 271 -27.75 -26.10 2.44
C GLU A 271 -28.20 -25.22 3.61
N TYR A 272 -29.34 -25.55 4.20
CA TYR A 272 -29.81 -24.87 5.39
C TYR A 272 -29.09 -25.32 6.66
N VAL A 273 -28.25 -24.46 7.21
CA VAL A 273 -27.61 -24.76 8.47
C VAL A 273 -27.79 -23.58 9.41
N PRO A 274 -28.49 -23.82 10.53
CA PRO A 274 -28.87 -22.79 11.48
C PRO A 274 -27.66 -22.39 12.31
N ASP A 275 -27.58 -21.09 12.63
CA ASP A 275 -26.52 -20.48 13.45
C ASP A 275 -25.98 -21.42 14.53
N GLY A 276 -24.67 -21.63 14.57
CA GLY A 276 -24.06 -22.44 15.65
C GLY A 276 -24.04 -23.94 15.41
N ARG A 277 -24.60 -24.35 14.28
CA ARG A 277 -24.44 -25.70 13.75
C ARG A 277 -23.31 -25.74 12.73
N LEU A 278 -22.65 -26.89 12.66
CA LEU A 278 -21.59 -27.11 11.66
C LEU A 278 -22.22 -27.54 10.32
N PRO A 279 -21.87 -26.83 9.21
CA PRO A 279 -22.34 -27.22 7.87
C PRO A 279 -21.65 -28.50 7.39
N SER A 280 -22.38 -29.33 6.65
CA SER A 280 -21.79 -30.49 5.99
C SER A 280 -20.78 -30.05 4.89
N GLU A 281 -20.52 -30.90 3.90
CA GLU A 281 -19.53 -30.59 2.85
C GLU A 281 -20.05 -30.73 1.38
N GLY A 282 -21.33 -31.13 1.26
CA GLY A 282 -22.07 -31.37 -0.02
C GLY A 282 -21.64 -30.46 -1.15
N ASP A 283 -21.92 -29.15 -0.98
CA ASP A 283 -21.10 -28.12 -1.60
C ASP A 283 -21.13 -26.78 -0.87
N TYR A 284 -20.90 -25.69 -1.59
CA TYR A 284 -20.32 -24.47 -1.05
C TYR A 284 -21.27 -23.35 -0.74
N LEU A 285 -22.56 -23.54 -0.85
CA LEU A 285 -23.48 -22.48 -0.49
C LEU A 285 -24.24 -22.86 0.78
N LEU A 286 -24.40 -21.90 1.68
CA LEU A 286 -25.20 -22.14 2.89
C LEU A 286 -26.26 -21.07 3.01
N THR A 287 -27.19 -21.27 3.94
CA THR A 287 -28.17 -20.25 4.26
C THR A 287 -28.79 -20.53 5.61
N GLN A 288 -28.92 -19.50 6.44
CA GLN A 288 -29.62 -19.66 7.71
C GLN A 288 -31.08 -19.18 7.61
N ASP A 289 -31.37 -18.39 6.59
CA ASP A 289 -32.70 -17.96 6.31
C ASP A 289 -33.61 -19.17 6.36
N GLU A 290 -34.60 -19.08 7.22
CA GLU A 290 -35.50 -20.19 7.57
C GLU A 290 -36.28 -20.83 6.41
N ALA A 291 -36.70 -20.01 5.45
CA ALA A 291 -37.63 -20.41 4.38
C ALA A 291 -37.08 -21.59 3.61
N TRP A 292 -35.85 -21.95 3.96
CA TRP A 292 -35.01 -22.83 3.20
C TRP A 292 -34.90 -24.14 3.89
N ASN A 293 -35.80 -24.44 4.79
CA ASN A 293 -35.59 -25.49 5.78
C ASN A 293 -36.61 -26.57 5.67
N LEU A 294 -36.23 -27.73 5.16
CA LEU A 294 -37.21 -28.78 5.08
C LEU A 294 -36.77 -30.14 5.62
N LYS A 295 -36.19 -30.18 6.81
CA LYS A 295 -35.95 -31.46 7.49
C LYS A 295 -34.63 -31.78 8.21
N ASP A 296 -34.65 -31.77 9.54
CA ASP A 296 -33.64 -32.49 10.28
C ASP A 296 -32.77 -31.74 11.29
N VAL A 297 -31.51 -32.18 11.44
CA VAL A 297 -30.64 -31.69 12.51
C VAL A 297 -29.15 -31.90 12.33
N ARG A 298 -28.37 -30.99 12.86
CA ARG A 298 -26.96 -30.86 12.45
C ARG A 298 -25.98 -31.02 13.62
N LYS A 299 -24.87 -31.76 13.44
CA LYS A 299 -23.80 -31.80 14.45
C LYS A 299 -23.43 -30.41 14.94
N ARG A 300 -23.03 -30.22 16.18
CA ARG A 300 -22.73 -28.84 16.59
C ARG A 300 -21.31 -28.35 16.35
N LYS A 301 -21.17 -27.13 15.88
CA LYS A 301 -19.87 -26.68 15.50
C LYS A 301 -19.33 -25.90 16.61
N LEU A 302 -18.60 -26.52 17.49
CA LEU A 302 -18.04 -25.72 18.55
C LEU A 302 -16.56 -25.93 18.81
N GLY A 303 -16.15 -25.33 19.92
CA GLY A 303 -14.78 -25.15 20.36
C GLY A 303 -13.77 -25.99 19.64
N PRO A 304 -13.92 -27.28 19.82
CA PRO A 304 -13.06 -28.26 19.18
C PRO A 304 -12.67 -27.90 17.76
N GLY A 305 -11.72 -26.99 17.59
CA GLY A 305 -11.11 -26.70 16.30
C GLY A 305 -11.92 -25.83 15.38
N HIS A 306 -13.21 -26.07 15.37
CA HIS A 306 -14.17 -25.46 14.48
C HIS A 306 -14.17 -23.95 14.62
N ASP A 307 -13.24 -23.48 15.43
CA ASP A 307 -13.02 -22.06 15.66
C ASP A 307 -12.84 -21.29 14.37
N LEU A 308 -12.09 -21.87 13.45
CA LEU A 308 -11.84 -21.28 12.15
C LEU A 308 -13.14 -21.17 11.34
N VAL A 309 -13.79 -22.29 11.07
CA VAL A 309 -15.06 -22.28 10.37
C VAL A 309 -16.08 -21.42 11.12
N ALA A 310 -15.90 -21.22 12.42
CA ALA A 310 -16.86 -20.46 13.23
C ALA A 310 -16.73 -18.95 13.04
N ASP A 311 -15.49 -18.49 12.90
CA ASP A 311 -15.20 -17.07 12.72
C ASP A 311 -15.62 -16.63 11.34
N SER A 312 -15.44 -17.54 10.38
CA SER A 312 -15.82 -17.35 8.97
C SER A 312 -17.32 -17.35 8.82
N LEU A 313 -17.96 -18.38 9.38
CA LEU A 313 -19.41 -18.51 9.37
C LEU A 313 -20.07 -17.27 9.89
N ALA A 314 -19.54 -16.76 10.99
CA ALA A 314 -20.01 -15.51 11.61
C ALA A 314 -19.89 -14.34 10.66
N ALA A 315 -18.69 -14.12 10.13
CA ALA A 315 -18.39 -13.01 9.20
C ALA A 315 -19.23 -12.98 7.91
N ASN A 316 -19.75 -14.15 7.53
CA ASN A 316 -20.41 -14.32 6.22
C ASN A 316 -21.93 -14.44 6.16
N ARG A 317 -22.58 -14.66 7.28
CA ARG A 317 -23.96 -15.05 7.24
C ARG A 317 -24.76 -13.80 7.37
N GLY A 318 -24.36 -12.76 6.67
CA GLY A 318 -25.08 -11.48 6.67
C GLY A 318 -25.12 -11.04 5.24
N VAL A 319 -24.09 -11.47 4.53
CA VAL A 319 -24.02 -11.54 3.08
C VAL A 319 -25.33 -11.89 2.45
N GLU A 320 -25.72 -11.07 1.47
CA GLU A 320 -26.87 -11.38 0.68
C GLU A 320 -26.40 -11.44 -0.73
N SER A 321 -26.77 -12.50 -1.44
CA SER A 321 -26.35 -12.71 -2.81
C SER A 321 -27.42 -12.18 -3.76
N MET A 322 -27.03 -11.86 -5.00
CA MET A 322 -27.99 -11.47 -6.02
C MET A 322 -28.25 -12.58 -7.03
N LEU A 323 -29.52 -12.94 -7.20
CA LEU A 323 -29.87 -13.80 -8.31
C LEU A 323 -30.27 -13.00 -9.53
N TYR A 324 -29.83 -13.46 -10.70
CA TYR A 324 -30.17 -12.82 -11.95
C TYR A 324 -30.87 -13.83 -12.79
N VAL A 325 -32.13 -13.53 -13.09
CA VAL A 325 -32.89 -14.38 -13.98
C VAL A 325 -32.78 -13.77 -15.37
N MET A 326 -32.31 -14.59 -16.32
CA MET A 326 -32.09 -14.17 -17.69
C MET A 326 -33.39 -14.30 -18.45
N THR A 327 -33.54 -13.53 -19.54
CA THR A 327 -34.66 -13.69 -20.49
C THR A 327 -34.45 -14.92 -21.37
N ASP A 328 -35.54 -15.55 -21.75
CA ASP A 328 -35.45 -16.76 -22.53
C ASP A 328 -35.33 -16.47 -24.04
N PRO A 329 -34.12 -16.64 -24.61
CA PRO A 329 -33.83 -16.33 -26.03
C PRO A 329 -34.94 -16.72 -27.00
N SER A 330 -35.56 -17.87 -26.75
CA SER A 330 -36.66 -18.39 -27.59
C SER A 330 -37.88 -17.47 -27.53
N GLU A 331 -38.34 -17.15 -26.32
CA GLU A 331 -39.47 -16.22 -26.18
C GLU A 331 -39.20 -14.72 -26.51
N ASN A 332 -38.01 -14.39 -27.03
CA ASN A 332 -37.51 -13.01 -27.03
C ASN A 332 -36.64 -12.63 -28.21
N ALA A 333 -36.92 -13.21 -29.37
CA ALA A 333 -36.09 -13.04 -30.59
C ALA A 333 -34.56 -13.12 -30.32
N GLY A 334 -34.16 -14.14 -29.55
CA GLY A 334 -32.76 -14.42 -29.28
C GLY A 334 -32.04 -13.49 -28.31
N ARG A 335 -32.79 -12.81 -27.45
CA ARG A 335 -32.18 -11.92 -26.49
C ARG A 335 -32.03 -12.52 -25.13
N ILE A 336 -30.79 -12.55 -24.67
CA ILE A 336 -30.52 -12.90 -23.28
C ILE A 336 -30.15 -11.63 -22.51
N GLY A 337 -31.13 -11.01 -21.87
CA GLY A 337 -30.85 -9.89 -20.98
C GLY A 337 -31.22 -10.23 -19.57
N ILE A 338 -30.79 -9.41 -18.60
CA ILE A 338 -31.25 -9.54 -17.22
C ILE A 338 -32.75 -9.21 -17.16
N LYS A 339 -33.55 -10.26 -17.07
CA LYS A 339 -35.00 -10.14 -16.90
C LYS A 339 -35.32 -9.67 -15.49
N ASP A 340 -34.72 -10.31 -14.49
CA ASP A 340 -34.99 -10.00 -13.07
C ASP A 340 -33.79 -10.07 -12.13
N ARG A 341 -33.88 -9.31 -11.04
CA ARG A 341 -32.79 -9.21 -10.11
C ARG A 341 -33.10 -9.55 -8.65
N VAL A 342 -33.49 -10.76 -8.34
CA VAL A 342 -33.91 -11.14 -6.97
C VAL A 342 -32.72 -11.12 -5.99
N PRO A 343 -32.78 -10.29 -4.91
CA PRO A 343 -31.76 -10.47 -3.86
C PRO A 343 -32.12 -11.66 -2.99
N VAL A 344 -31.09 -12.38 -2.53
CA VAL A 344 -31.29 -13.60 -1.72
C VAL A 344 -30.22 -13.73 -0.64
N ASN A 345 -30.60 -14.47 0.38
CA ASN A 345 -29.84 -14.63 1.59
C ASN A 345 -29.11 -15.97 1.59
N ILE A 346 -28.00 -16.00 0.86
CA ILE A 346 -27.19 -17.20 0.70
C ILE A 346 -25.77 -16.73 0.87
N PHE A 347 -24.98 -17.51 1.58
CA PHE A 347 -23.57 -17.17 1.73
C PHE A 347 -22.74 -18.42 1.56
N ILE A 348 -21.45 -18.26 1.79
CA ILE A 348 -20.44 -19.24 1.37
C ILE A 348 -20.13 -20.28 2.46
N ASN A 349 -19.78 -21.49 2.05
CA ASN A 349 -19.42 -22.57 2.99
C ASN A 349 -17.95 -22.53 3.39
N PRO A 350 -17.63 -21.95 4.57
CA PRO A 350 -16.22 -21.84 4.90
C PRO A 350 -15.48 -23.21 5.05
N ARG A 351 -16.25 -24.30 5.01
CA ARG A 351 -15.65 -25.64 5.03
C ARG A 351 -15.23 -26.14 3.65
N HIS A 352 -15.86 -25.58 2.61
CA HIS A 352 -15.73 -26.06 1.24
C HIS A 352 -14.46 -25.60 0.57
N ASN A 353 -13.93 -26.44 -0.29
CA ASN A 353 -12.76 -26.16 -1.12
C ASN A 353 -12.67 -24.73 -1.69
N TYR A 354 -13.78 -24.23 -2.20
CA TYR A 354 -13.82 -22.92 -2.84
C TYR A 354 -13.51 -21.79 -1.88
N PHE A 355 -13.89 -21.95 -0.62
CA PHE A 355 -13.69 -20.86 0.32
C PHE A 355 -12.21 -20.54 0.44
N TYR A 356 -11.40 -21.58 0.35
CA TYR A 356 -9.97 -21.47 0.38
C TYR A 356 -9.40 -20.90 -0.91
N GLN A 357 -9.85 -21.44 -2.03
CA GLN A 357 -9.42 -20.97 -3.33
C GLN A 357 -9.66 -19.47 -3.45
N VAL A 358 -10.80 -19.00 -2.97
CA VAL A 358 -11.24 -17.60 -3.11
C VAL A 358 -10.59 -16.71 -2.03
N LEU A 359 -10.20 -17.31 -0.91
CA LEU A 359 -9.43 -16.60 0.13
C LEU A 359 -7.97 -16.28 -0.35
N LEU A 360 -7.33 -17.21 -1.05
CA LEU A 360 -6.01 -16.98 -1.58
C LEU A 360 -6.13 -16.01 -2.72
N GLN A 361 -7.06 -16.20 -3.63
CA GLN A 361 -7.28 -15.17 -4.68
C GLN A 361 -7.44 -13.75 -4.13
N TYR A 362 -8.03 -13.63 -2.96
CA TYR A 362 -8.24 -12.36 -2.33
C TYR A 362 -6.94 -11.89 -1.65
N LYS A 363 -6.26 -12.77 -0.93
CA LYS A 363 -4.98 -12.42 -0.30
C LYS A 363 -3.90 -11.96 -1.27
N ILE A 364 -3.69 -12.68 -2.38
CA ILE A 364 -2.64 -12.36 -3.36
C ILE A 364 -2.90 -11.04 -4.09
N VAL A 365 -4.13 -10.84 -4.56
CA VAL A 365 -4.51 -9.62 -5.27
C VAL A 365 -4.45 -8.43 -4.35
N GLY A 366 -4.84 -8.63 -3.10
CA GLY A 366 -4.67 -7.62 -2.09
C GLY A 366 -3.25 -7.12 -2.12
N ASP A 367 -2.30 -8.06 -2.11
CA ASP A 367 -0.85 -7.80 -2.10
C ASP A 367 -0.40 -7.01 -3.31
N TYR A 368 -0.78 -7.46 -4.51
CA TYR A 368 -0.54 -6.73 -5.75
C TYR A 368 -1.08 -5.30 -5.64
N VAL A 369 -2.38 -5.18 -5.38
CA VAL A 369 -3.04 -3.88 -5.27
C VAL A 369 -2.28 -2.93 -4.37
N ARG A 370 -1.92 -3.42 -3.19
CA ARG A 370 -1.15 -2.63 -2.25
C ARG A 370 0.18 -2.10 -2.78
N HIS A 371 1.11 -3.02 -3.08
CA HIS A 371 2.42 -2.66 -3.64
C HIS A 371 2.44 -2.50 -5.15
N SER A 372 1.42 -1.90 -5.73
CA SER A 372 1.52 -1.50 -7.12
C SER A 372 0.92 -0.12 -7.29
N GLY A 373 1.75 0.89 -7.00
CA GLY A 373 1.41 2.30 -7.20
C GLY A 373 0.10 2.69 -6.50
N GLY A 374 -0.60 1.70 -5.94
CA GLY A 374 -2.02 1.84 -5.71
C GLY A 374 -2.81 1.93 -4.42
N GLY A 375 -2.18 2.05 -3.27
CA GLY A 375 -2.94 2.19 -2.02
C GLY A 375 -3.02 3.57 -1.36
N LYS A 376 -4.21 3.92 -0.92
CA LYS A 376 -4.45 5.24 -0.39
C LYS A 376 -4.43 5.27 1.12
N PRO A 377 -3.54 6.04 1.70
CA PRO A 377 -3.43 6.07 3.13
C PRO A 377 -4.75 6.26 3.75
N GLY A 378 -5.00 5.46 4.76
CA GLY A 378 -6.18 5.61 5.55
C GLY A 378 -7.24 4.70 5.07
N ARG A 379 -7.09 4.24 3.84
CA ARG A 379 -8.13 3.49 3.19
C ARG A 379 -7.60 2.13 2.77
N ASP A 380 -8.50 1.18 2.59
CA ASP A 380 -8.09 -0.18 2.45
C ASP A 380 -8.28 -0.68 1.04
N CYS A 381 -7.34 -1.48 0.56
CA CYS A 381 -7.30 -1.85 -0.82
C CYS A 381 -7.60 -3.30 -1.07
N SER A 382 -7.97 -4.04 -0.05
CA SER A 382 -8.40 -5.40 -0.33
C SER A 382 -9.55 -5.36 -1.34
N PRO A 383 -9.48 -6.17 -2.40
CA PRO A 383 -10.52 -6.17 -3.42
C PRO A 383 -11.83 -6.74 -2.85
N ARG A 384 -12.90 -6.81 -3.63
CA ARG A 384 -14.05 -7.62 -3.23
C ARG A 384 -13.95 -8.92 -4.02
N VAL A 385 -14.43 -10.00 -3.41
CA VAL A 385 -14.46 -11.32 -4.01
C VAL A 385 -15.90 -11.75 -4.09
N ASN A 386 -16.25 -12.42 -5.18
CA ASN A 386 -17.59 -13.04 -5.35
C ASN A 386 -17.53 -14.38 -6.03
N ILE A 387 -18.52 -15.22 -5.79
CA ILE A 387 -18.61 -16.41 -6.58
C ILE A 387 -19.88 -16.39 -7.37
N VAL A 388 -19.69 -16.33 -8.67
CA VAL A 388 -20.74 -16.52 -9.63
C VAL A 388 -20.99 -17.99 -9.84
N THR A 389 -22.26 -18.39 -9.78
CA THR A 389 -22.72 -19.79 -9.84
C THR A 389 -23.74 -19.83 -10.96
N ALA A 390 -23.30 -20.26 -12.13
CA ALA A 390 -24.06 -20.05 -13.38
C ALA A 390 -24.88 -21.26 -13.76
N PHE A 391 -26.12 -21.00 -14.15
CA PHE A 391 -27.07 -22.04 -14.42
C PHE A 391 -27.39 -22.01 -15.86
N PHE A 392 -27.22 -23.14 -16.52
CA PHE A 392 -27.51 -23.23 -17.93
C PHE A 392 -28.57 -24.28 -18.18
N ARG A 393 -29.20 -24.20 -19.35
CA ARG A 393 -30.08 -25.23 -19.86
C ARG A 393 -29.55 -25.62 -21.22
N LYS A 394 -30.09 -26.66 -21.82
CA LYS A 394 -29.65 -27.10 -23.14
C LYS A 394 -30.41 -26.38 -24.26
N ARG A 395 -29.92 -26.44 -25.50
CA ARG A 395 -30.55 -25.72 -26.61
C ARG A 395 -31.77 -26.45 -27.14
N SER A 396 -32.93 -25.79 -27.07
CA SER A 396 -34.19 -26.31 -27.63
C SER A 396 -34.19 -26.33 -29.17
N PRO A 397 -35.09 -27.10 -29.82
CA PRO A 397 -35.18 -26.88 -31.28
C PRO A 397 -35.83 -25.51 -31.55
N LEU A 398 -36.84 -25.17 -30.74
CA LEU A 398 -37.45 -23.84 -30.61
C LEU A 398 -36.56 -22.55 -30.58
N ASP A 399 -35.37 -22.64 -29.98
CA ASP A 399 -34.44 -21.49 -29.87
C ASP A 399 -33.91 -21.04 -31.23
N PRO A 400 -33.80 -19.71 -31.44
CA PRO A 400 -33.24 -19.18 -32.68
C PRO A 400 -31.83 -19.68 -32.90
N ALA A 401 -31.44 -19.89 -34.15
CA ALA A 401 -30.08 -20.33 -34.39
C ALA A 401 -29.04 -19.37 -33.77
N THR A 402 -29.36 -18.08 -33.72
CA THR A 402 -28.39 -17.07 -33.25
C THR A 402 -28.87 -16.27 -32.04
N CYS A 403 -27.94 -15.94 -31.13
CA CYS A 403 -28.26 -15.29 -29.86
C CYS A 403 -27.33 -14.24 -29.30
N THR A 404 -27.91 -13.09 -28.94
CA THR A 404 -27.12 -12.04 -28.32
C THR A 404 -27.42 -11.88 -26.82
N LEU A 405 -26.35 -11.84 -26.03
CA LEU A 405 -26.43 -11.35 -24.65
C LEU A 405 -26.54 -9.83 -24.73
N GLY A 406 -27.54 -9.29 -24.04
CA GLY A 406 -27.92 -7.89 -24.13
C GLY A 406 -28.61 -7.61 -25.45
N SER A 407 -28.12 -6.60 -26.19
CA SER A 407 -28.64 -6.27 -27.51
C SER A 407 -27.77 -6.75 -28.69
N ASP A 408 -26.50 -7.04 -28.43
CA ASP A 408 -25.51 -6.86 -29.47
C ASP A 408 -24.24 -7.71 -29.32
N LEU A 409 -24.12 -8.41 -28.19
CA LEU A 409 -23.03 -9.35 -28.03
C LEU A 409 -23.48 -10.69 -28.60
N LEU A 410 -22.81 -11.20 -29.65
CA LEU A 410 -23.07 -12.57 -30.15
C LEU A 410 -23.02 -13.59 -28.96
N LEU A 411 -23.52 -14.79 -29.15
CA LEU A 411 -23.29 -15.84 -28.16
C LEU A 411 -22.91 -17.09 -28.92
N ASP A 412 -21.76 -17.68 -28.56
CA ASP A 412 -21.22 -18.85 -29.29
C ASP A 412 -22.32 -19.89 -29.53
N ALA A 413 -22.35 -20.38 -30.77
CA ALA A 413 -23.31 -21.38 -31.19
C ALA A 413 -23.08 -22.73 -30.53
N SER A 414 -21.88 -23.03 -30.08
CA SER A 414 -21.69 -24.27 -29.36
C SER A 414 -22.15 -24.19 -27.91
N VAL A 415 -22.14 -22.99 -27.30
CA VAL A 415 -22.48 -22.90 -25.85
C VAL A 415 -23.99 -23.05 -25.58
N GLU A 416 -24.29 -23.62 -24.40
CA GLU A 416 -25.63 -23.79 -23.90
C GLU A 416 -26.19 -22.41 -23.56
N ILE A 417 -27.49 -22.37 -23.28
CA ILE A 417 -28.16 -21.14 -22.85
C ILE A 417 -28.04 -20.80 -21.34
N PRO A 418 -27.47 -19.61 -21.00
CA PRO A 418 -27.51 -19.08 -19.63
C PRO A 418 -28.93 -18.72 -19.18
N VAL A 419 -29.24 -19.10 -17.95
CA VAL A 419 -30.61 -19.17 -17.48
C VAL A 419 -30.69 -18.38 -16.17
N ALA A 420 -29.79 -18.68 -15.26
CA ALA A 420 -29.59 -17.84 -14.12
C ALA A 420 -28.10 -17.58 -13.94
N VAL A 421 -27.81 -16.61 -13.07
CA VAL A 421 -26.47 -16.31 -12.59
C VAL A 421 -26.68 -15.88 -11.13
N LEU A 422 -25.98 -16.51 -10.19
CA LEU A 422 -26.13 -16.15 -8.78
C LEU A 422 -24.83 -15.71 -8.18
N VAL A 423 -24.70 -14.41 -8.00
CA VAL A 423 -23.47 -13.89 -7.45
C VAL A 423 -23.47 -13.73 -5.93
N THR A 424 -22.46 -14.33 -5.30
CA THR A 424 -22.31 -14.41 -3.83
C THR A 424 -21.06 -13.67 -3.32
N PRO A 425 -21.24 -12.53 -2.62
CA PRO A 425 -20.08 -11.90 -1.99
C PRO A 425 -19.46 -12.84 -0.96
N VAL A 426 -18.13 -12.84 -0.91
CA VAL A 426 -17.44 -13.57 0.15
C VAL A 426 -16.79 -12.53 1.06
N VAL A 427 -16.82 -12.83 2.37
CA VAL A 427 -16.25 -11.99 3.45
C VAL A 427 -15.11 -12.82 4.12
N LEU A 428 -13.97 -12.18 4.43
CA LEU A 428 -12.73 -12.95 4.75
C LEU A 428 -11.90 -12.43 5.89
N PRO A 429 -12.28 -12.76 7.15
CA PRO A 429 -11.63 -12.11 8.28
C PRO A 429 -10.13 -12.31 8.22
N ASP A 430 -9.39 -11.20 8.33
CA ASP A 430 -7.94 -11.26 8.35
C ASP A 430 -7.42 -12.25 9.38
N SER A 431 -8.05 -12.29 10.55
CA SER A 431 -8.06 -13.47 11.44
C SER A 431 -7.87 -14.83 10.72
N VAL A 432 -8.83 -15.18 9.85
CA VAL A 432 -8.88 -16.48 9.17
C VAL A 432 -7.78 -16.66 8.14
N ILE A 433 -7.54 -15.60 7.37
CA ILE A 433 -6.48 -15.60 6.35
C ILE A 433 -5.15 -15.90 6.98
N ARG A 434 -4.74 -15.13 7.99
CA ARG A 434 -3.48 -15.33 8.68
C ARG A 434 -3.32 -16.76 9.11
N LYS A 435 -4.20 -17.32 9.87
CA LYS A 435 -3.95 -18.68 10.28
C LYS A 435 -3.96 -19.61 9.11
N THR A 436 -4.96 -19.55 8.29
CA THR A 436 -5.01 -20.58 7.27
C THR A 436 -3.70 -20.69 6.54
N LEU A 437 -3.32 -19.63 5.83
CA LEU A 437 -2.05 -19.52 5.07
C LEU A 437 -0.82 -19.87 5.86
N SER A 438 -0.93 -19.68 7.17
CA SER A 438 0.16 -19.88 8.11
C SER A 438 0.35 -21.37 8.36
N THR A 439 -0.72 -22.08 8.68
CA THR A 439 -0.58 -23.51 8.87
C THR A 439 -0.26 -24.20 7.54
N ALA A 440 -0.74 -23.64 6.44
CA ALA A 440 -0.39 -24.12 5.11
C ALA A 440 1.11 -24.00 4.81
N ALA A 441 1.71 -22.83 5.05
CA ALA A 441 3.13 -22.54 4.77
C ALA A 441 4.11 -23.29 5.68
N GLY A 442 3.74 -23.54 6.93
CA GLY A 442 4.52 -24.47 7.75
C GLY A 442 4.55 -25.92 7.20
N SER A 443 3.43 -26.33 6.61
CA SER A 443 3.29 -27.59 5.88
C SER A 443 4.28 -27.56 4.69
N TRP A 444 4.43 -26.41 4.06
CA TRP A 444 5.39 -26.29 2.98
C TRP A 444 6.75 -26.51 3.61
N LYS A 445 7.15 -25.61 4.50
CA LYS A 445 8.42 -25.77 5.25
C LYS A 445 8.67 -27.23 5.60
N ALA A 446 7.76 -27.78 6.39
CA ALA A 446 7.75 -29.17 6.79
C ALA A 446 8.39 -30.10 5.80
N TYR A 447 7.85 -30.10 4.58
CA TYR A 447 8.25 -31.04 3.55
C TYR A 447 9.59 -30.67 2.93
N ALA A 448 9.72 -29.40 2.57
CA ALA A 448 10.99 -28.84 2.13
C ALA A 448 12.16 -29.22 3.05
N ASP A 449 11.87 -29.35 4.35
CA ASP A 449 12.92 -29.66 5.33
C ASP A 449 13.53 -30.99 5.10
N ASN A 450 12.71 -32.03 5.11
CA ASN A 450 13.27 -33.35 4.80
C ASN A 450 13.11 -33.80 3.33
N THR A 451 13.34 -32.90 2.39
CA THR A 451 13.36 -33.25 0.98
C THR A 451 14.56 -32.55 0.43
N PHE A 452 14.98 -31.53 1.18
CA PHE A 452 16.14 -30.73 0.82
C PHE A 452 17.18 -30.68 1.96
N ASP A 453 17.52 -30.46 2.04
CA ASP A 453 18.87 -30.17 2.51
C ASP A 453 19.00 -28.68 2.73
N THR A 454 18.66 -28.16 2.23
CA THR A 454 18.83 -26.73 2.36
C THR A 454 17.54 -25.92 2.37
N ALA A 455 16.42 -26.58 2.64
CA ALA A 455 15.10 -25.96 2.59
C ALA A 455 15.19 -24.45 2.83
N PRO A 456 14.56 -23.66 1.94
CA PRO A 456 14.52 -22.23 2.19
C PRO A 456 13.60 -21.89 3.38
N TRP A 457 13.99 -20.88 4.18
CA TRP A 457 13.20 -20.38 5.31
C TRP A 457 12.02 -19.50 4.88
N VAL A 458 10.86 -19.75 5.49
CA VAL A 458 9.59 -19.05 5.20
C VAL A 458 9.63 -17.60 5.79
N PRO A 459 9.16 -16.59 5.02
CA PRO A 459 9.04 -15.24 5.57
C PRO A 459 8.23 -15.26 6.87
N SER A 460 8.63 -14.46 7.84
CA SER A 460 8.02 -14.49 9.18
C SER A 460 6.63 -13.85 9.31
N GLY A 461 5.92 -13.79 8.20
CA GLY A 461 4.62 -13.18 8.20
C GLY A 461 3.67 -14.30 7.90
N LEU A 462 4.21 -15.50 7.68
CA LEU A 462 3.42 -16.71 7.51
C LEU A 462 3.85 -17.70 8.60
N PHE A 463 4.64 -17.15 9.52
CA PHE A 463 4.98 -17.75 10.80
C PHE A 463 3.71 -18.01 11.58
N ALA A 464 3.63 -19.16 12.23
CA ALA A 464 2.43 -19.55 13.00
C ALA A 464 2.38 -18.96 14.41
N ASP A 465 1.38 -18.11 14.66
CA ASP A 465 0.83 -17.76 16.01
C ASP A 465 0.31 -16.30 16.26
N ASP A 466 1.15 -15.42 16.82
CA ASP A 466 0.67 -14.23 17.53
C ASP A 466 0.53 -12.81 16.87
N GLU A 467 0.11 -11.83 17.51
N ASP B 9 33.89 37.09 6.70
CA ASP B 9 32.48 36.71 6.98
C ASP B 9 31.49 37.88 6.93
N PRO B 10 31.12 38.30 5.72
CA PRO B 10 30.29 39.51 5.64
C PRO B 10 28.84 39.24 6.07
N MET B 11 28.51 37.99 6.31
CA MET B 11 27.21 37.67 6.79
C MET B 11 27.08 37.96 8.28
N GLU B 12 28.20 37.98 8.98
CA GLU B 12 28.22 38.39 10.42
C GLU B 12 27.61 39.79 10.60
N GLU B 13 27.59 40.51 9.47
CA GLU B 13 27.21 41.92 9.39
C GLU B 13 25.76 42.12 8.93
N MET B 14 25.21 41.15 8.21
CA MET B 14 23.83 41.21 7.68
C MET B 14 22.74 40.87 8.70
N THR B 15 23.19 40.43 9.88
CA THR B 15 22.32 39.98 10.94
C THR B 15 21.44 41.08 11.57
N SER B 16 21.56 42.32 11.13
CA SER B 16 20.68 43.39 11.62
C SER B 16 19.48 43.49 10.71
N TYR B 17 19.65 42.98 9.49
CA TYR B 17 18.66 43.13 8.41
C TYR B 17 17.60 42.04 8.32
N THR B 18 16.81 41.87 9.38
CA THR B 18 15.75 40.88 9.41
C THR B 18 14.53 41.47 8.81
N PHE B 19 13.53 40.63 8.56
CA PHE B 19 12.23 41.13 8.10
C PHE B 19 11.72 42.26 9.04
N ALA B 20 11.61 41.97 10.33
CA ALA B 20 11.10 42.94 11.28
C ALA B 20 11.73 44.30 10.98
N ARG B 21 13.04 44.34 10.98
CA ARG B 21 13.77 45.57 10.74
C ARG B 21 13.38 46.24 9.47
N PHE B 22 13.33 45.52 8.40
CA PHE B 22 13.00 46.05 7.10
C PHE B 22 11.64 46.74 7.16
N LEU B 23 10.66 46.08 7.78
CA LEU B 23 9.33 46.68 8.00
C LEU B 23 9.39 48.00 8.73
N ARG B 24 10.42 48.13 9.55
CA ARG B 24 10.72 49.32 10.34
C ARG B 24 11.73 50.34 9.70
N SER B 25 12.04 50.18 8.40
CA SER B 25 13.10 50.97 7.72
C SER B 25 12.54 52.22 7.14
N PRO B 26 13.40 53.24 6.95
CA PRO B 26 12.96 54.51 6.38
C PRO B 26 12.68 54.35 4.89
N GLU B 27 13.50 53.52 4.29
CA GLU B 27 13.34 53.18 2.90
C GLU B 27 12.13 52.31 2.67
N THR B 28 11.71 51.53 3.67
CA THR B 28 10.47 50.76 3.55
C THR B 28 9.32 51.73 3.57
N GLU B 29 9.23 52.46 4.70
CA GLU B 29 8.25 53.52 4.94
C GLU B 29 8.08 54.44 3.71
N ALA B 30 9.15 54.58 2.94
CA ALA B 30 9.13 55.33 1.68
C ALA B 30 7.99 54.96 0.73
N PHE B 31 7.94 53.75 0.19
CA PHE B 31 6.85 53.41 -0.72
C PHE B 31 5.50 53.20 0.02
N VAL B 32 5.55 52.58 1.21
CA VAL B 32 4.34 52.21 1.95
C VAL B 32 3.46 53.42 2.22
N ARG B 33 4.10 54.59 2.37
CA ARG B 33 3.38 55.84 2.53
C ARG B 33 2.54 56.13 1.30
N ASN B 34 3.07 55.83 0.11
CA ASN B 34 2.41 56.20 -1.13
C ASN B 34 1.58 55.11 -1.77
N LEU B 35 1.31 54.04 -1.04
CA LEU B 35 0.45 52.99 -1.54
C LEU B 35 -0.98 53.39 -1.28
N ASP B 36 -1.69 53.30 -1.72
CA ASP B 36 -3.13 53.19 -1.60
C ASP B 36 -3.45 52.00 -0.72
N ARG B 37 -3.27 50.94 -0.76
CA ARG B 37 -3.66 49.89 0.17
C ARG B 37 -2.68 49.65 1.31
N PRO B 38 -3.19 49.32 2.52
CA PRO B 38 -2.35 48.57 3.43
C PRO B 38 -1.48 47.54 2.66
N PRO B 39 -0.16 47.60 2.88
CA PRO B 39 0.79 46.77 2.13
C PRO B 39 0.42 45.25 2.19
N GLN B 40 0.37 44.61 1.01
CA GLN B 40 -0.10 43.24 0.91
C GLN B 40 1.03 42.22 1.10
N MET B 41 0.65 41.01 1.50
CA MET B 41 1.61 40.09 2.07
C MET B 41 1.67 38.65 1.51
N PRO B 42 2.22 38.50 0.30
CA PRO B 42 3.51 37.78 0.21
C PRO B 42 4.50 38.81 -0.41
N ALA B 43 3.90 39.86 -1.01
CA ALA B 43 4.62 40.94 -1.68
C ALA B 43 5.64 41.61 -0.77
N MET B 44 5.22 41.97 0.45
CA MET B 44 6.12 42.62 1.40
C MET B 44 7.26 41.71 1.81
N ARG B 45 7.00 40.42 1.88
CA ARG B 45 8.08 39.50 2.20
C ARG B 45 9.04 39.38 1.05
N PHE B 46 8.52 39.38 -0.19
CA PHE B 46 9.40 39.24 -1.34
C PHE B 46 10.20 40.47 -1.61
N VAL B 47 9.61 41.64 -1.32
CA VAL B 47 10.36 42.90 -1.43
C VAL B 47 11.53 42.82 -0.46
N TYR B 48 11.25 42.45 0.80
CA TYR B 48 12.31 42.24 1.80
C TYR B 48 13.42 41.33 1.29
N LEU B 49 13.06 40.13 0.86
CA LEU B 49 14.03 39.23 0.29
C LEU B 49 14.88 39.89 -0.80
N TYR B 50 14.25 40.59 -1.74
CA TYR B 50 14.98 41.33 -2.75
C TYR B 50 16.05 42.28 -2.18
N CYS B 51 15.73 42.97 -1.09
CA CYS B 51 16.63 43.95 -0.45
C CYS B 51 17.80 43.34 0.28
N LEU B 52 17.50 42.24 0.97
CA LEU B 52 18.51 41.44 1.67
C LEU B 52 19.48 40.87 0.66
N CYS B 53 18.94 40.46 -0.48
CA CYS B 53 19.74 39.95 -1.57
C CYS B 53 20.68 40.94 -2.17
N LYS B 54 20.12 42.11 -2.53
CA LYS B 54 20.87 43.21 -3.14
C LYS B 54 22.17 43.48 -2.37
N GLN B 55 22.07 43.52 -1.05
CA GLN B 55 23.26 43.64 -0.21
C GLN B 55 24.09 42.37 -0.26
N ILE B 56 23.47 41.21 0.00
CA ILE B 56 24.23 39.95 0.11
C ILE B 56 24.95 39.60 -1.18
N GLN B 57 24.24 39.68 -2.31
CA GLN B 57 24.78 39.32 -3.62
C GLN B 57 26.18 39.90 -3.91
N GLU B 58 26.46 41.13 -3.45
CA GLU B 58 27.82 41.72 -3.56
C GLU B 58 28.96 40.80 -3.12
N PHE B 59 28.95 40.38 -1.87
CA PHE B 59 30.02 39.54 -1.39
C PHE B 59 29.77 38.04 -1.60
N SER B 60 28.71 37.70 -2.34
CA SER B 60 28.36 36.28 -2.58
C SER B 60 28.20 35.97 -4.06
N GLY B 61 28.30 36.99 -4.90
CA GLY B 61 28.42 36.83 -6.36
C GLY B 61 27.18 36.36 -7.11
N GLU B 62 26.34 35.57 -6.45
CA GLU B 62 25.11 35.01 -7.05
C GLU B 62 23.99 36.08 -7.10
N THR B 63 23.69 36.52 -8.32
CA THR B 63 22.83 37.69 -8.54
C THR B 63 21.41 37.23 -8.89
N GLY B 64 21.25 35.90 -8.98
CA GLY B 64 20.11 35.17 -9.57
C GLY B 64 18.68 35.42 -9.10
N PHE B 65 18.50 35.47 -7.77
CA PHE B 65 17.22 35.90 -7.19
C PHE B 65 16.80 37.24 -7.77
N CYS B 66 17.64 38.26 -7.61
CA CYS B 66 17.31 39.65 -7.94
C CYS B 66 16.97 39.83 -9.38
N ASP B 67 17.66 39.10 -10.24
CA ASP B 67 17.40 39.14 -11.66
C ASP B 67 16.01 38.63 -11.96
N PHE B 68 15.52 37.69 -11.14
CA PHE B 68 14.14 37.26 -11.31
C PHE B 68 13.14 38.36 -10.95
N VAL B 69 13.30 38.96 -9.76
CA VAL B 69 12.53 40.16 -9.34
C VAL B 69 12.61 41.28 -10.42
N SER B 70 13.80 41.50 -10.99
CA SER B 70 14.01 42.44 -12.10
C SER B 70 13.17 42.17 -13.37
N SER B 71 13.22 40.93 -13.85
CA SER B 71 12.45 40.51 -15.01
C SER B 71 10.92 40.59 -14.81
N LEU B 72 10.50 40.74 -13.55
CA LEU B 72 9.10 40.96 -13.20
C LEU B 72 8.64 42.40 -13.39
N VAL B 73 9.56 43.37 -13.31
CA VAL B 73 9.21 44.76 -13.55
C VAL B 73 9.84 45.21 -14.83
N GLN B 74 9.01 45.81 -15.68
CA GLN B 74 9.42 46.38 -16.98
C GLN B 74 8.63 47.69 -17.19
N GLU B 75 7.33 47.51 -17.44
CA GLU B 75 6.28 48.52 -17.20
C GLU B 75 5.50 48.19 -15.90
N GLY B 81 19.14 49.52 -10.24
CA GLY B 81 18.00 49.07 -9.45
C GLY B 81 16.72 49.90 -9.62
N PRO B 82 15.54 49.22 -9.66
CA PRO B 82 14.26 49.95 -9.76
C PRO B 82 13.74 50.28 -8.40
N SER B 83 12.86 51.29 -8.34
CA SER B 83 12.40 51.86 -7.07
C SER B 83 11.47 50.86 -6.40
N LEU B 84 11.55 50.78 -5.07
CA LEU B 84 10.78 49.80 -4.37
C LEU B 84 9.32 49.82 -4.80
N LYS B 85 8.79 50.97 -5.24
CA LYS B 85 7.39 51.02 -5.69
C LYS B 85 7.17 50.21 -6.95
N SER B 86 8.16 50.25 -7.85
CA SER B 86 8.11 49.47 -9.09
C SER B 86 8.18 48.01 -8.69
N ILE B 87 9.03 47.74 -7.70
CA ILE B 87 9.28 46.37 -7.29
C ILE B 87 8.15 45.79 -6.44
N TYR B 88 7.77 46.47 -5.35
CA TYR B 88 6.57 46.09 -4.60
C TYR B 88 5.43 45.83 -5.55
N TRP B 89 5.29 46.55 -6.66
CA TRP B 89 4.09 46.34 -7.51
C TRP B 89 4.30 45.28 -8.56
N GLY B 90 5.51 45.03 -9.01
CA GLY B 90 5.66 43.86 -9.87
C GLY B 90 5.36 42.55 -9.15
N LEU B 91 5.86 42.44 -7.91
CA LEU B 91 5.69 41.26 -7.03
C LEU B 91 4.24 41.09 -6.62
N GLN B 92 3.51 42.20 -6.55
CA GLN B 92 2.08 42.21 -6.24
C GLN B 92 1.29 41.66 -7.38
N GLU B 93 1.81 41.82 -8.60
CA GLU B 93 1.11 41.39 -9.82
C GLU B 93 1.52 40.02 -10.34
N ALA B 94 2.50 39.40 -9.67
CA ALA B 94 3.12 38.11 -10.06
C ALA B 94 2.15 36.94 -10.10
N THR B 95 2.46 35.99 -10.97
CA THR B 95 1.75 34.72 -11.02
C THR B 95 2.38 33.74 -10.02
N ASP B 96 1.56 32.86 -9.46
CA ASP B 96 2.06 31.96 -8.46
C ASP B 96 3.28 31.16 -8.84
N GLU B 97 3.36 30.66 -10.08
CA GLU B 97 4.59 29.95 -10.48
C GLU B 97 5.82 30.83 -10.36
N GLN B 98 5.65 32.12 -10.61
CA GLN B 98 6.76 33.02 -10.48
C GLN B 98 7.15 33.29 -9.02
N ARG B 99 6.14 33.39 -8.15
CA ARG B 99 6.40 33.41 -6.71
C ARG B 99 7.20 32.18 -6.22
N THR B 100 6.74 30.99 -6.62
CA THR B 100 7.36 29.76 -6.14
C THR B 100 8.78 29.55 -6.71
N VAL B 101 9.03 30.09 -7.91
CA VAL B 101 10.41 30.23 -8.41
C VAL B 101 11.28 31.02 -7.41
N LEU B 102 10.83 32.23 -7.08
CA LEU B 102 11.47 33.07 -6.05
C LEU B 102 11.76 32.34 -4.73
N CYS B 103 10.77 31.55 -4.30
CA CYS B 103 10.90 30.73 -3.10
C CYS B 103 11.92 29.61 -3.20
N SER B 104 12.14 29.10 -4.41
CA SER B 104 13.09 28.02 -4.60
C SER B 104 14.43 28.52 -5.13
N TYR B 105 14.51 29.82 -5.40
CA TYR B 105 15.82 30.50 -5.37
C TYR B 105 16.37 30.53 -3.93
N VAL B 106 15.56 31.09 -3.01
CA VAL B 106 15.81 31.10 -1.59
C VAL B 106 16.09 29.72 -1.04
N GLU B 107 15.54 28.69 -1.65
CA GLU B 107 15.68 27.37 -1.08
C GLU B 107 17.03 26.82 -1.44
N SER B 108 17.38 26.88 -2.73
CA SER B 108 18.65 26.33 -3.17
C SER B 108 19.76 27.20 -2.63
N MET B 109 19.46 28.48 -2.42
CA MET B 109 20.38 29.46 -1.82
C MET B 109 20.78 29.08 -0.38
N THR B 110 19.96 28.28 0.25
CA THR B 110 20.18 27.91 1.62
C THR B 110 20.47 26.43 1.67
N ARG B 111 20.22 25.71 0.56
CA ARG B 111 20.11 24.24 0.61
C ARG B 111 21.17 23.55 1.45
N GLY B 112 22.40 23.58 0.97
CA GLY B 112 23.50 22.91 1.62
C GLY B 112 23.59 23.01 3.13
N GLN B 113 23.49 24.23 3.68
CA GLN B 113 24.18 24.49 4.96
C GLN B 113 23.52 24.91 6.28
N SER B 114 22.23 24.62 6.58
CA SER B 114 21.58 24.96 7.90
C SER B 114 22.47 25.48 9.10
N GLU B 115 23.74 25.72 8.78
CA GLU B 115 24.79 26.23 9.66
C GLU B 115 25.08 27.70 9.31
N ASN B 116 24.74 28.13 8.09
CA ASN B 116 24.87 29.54 7.72
C ASN B 116 23.93 30.53 8.49
N LEU B 117 24.35 31.79 8.55
CA LEU B 117 23.71 32.82 9.35
C LEU B 117 22.55 33.40 8.60
N MET B 118 22.46 33.07 7.31
CA MET B 118 21.33 33.55 6.51
C MET B 118 20.13 32.72 6.78
N TRP B 119 20.36 31.46 7.10
CA TRP B 119 19.24 30.66 7.54
C TRP B 119 18.47 31.35 8.67
N ASP B 120 19.18 31.93 9.63
CA ASP B 120 18.54 32.67 10.69
C ASP B 120 17.79 33.94 10.29
N ILE B 121 18.47 34.83 9.54
CA ILE B 121 17.92 36.12 9.10
C ILE B 121 16.57 35.93 8.45
N LEU B 122 16.52 34.90 7.61
CA LEU B 122 15.33 34.49 6.90
C LEU B 122 14.26 33.98 7.82
N ARG B 123 14.63 33.49 8.99
CA ARG B 123 13.65 32.95 9.93
C ARG B 123 12.88 33.98 10.76
N ASN B 124 13.35 35.21 10.80
CA ASN B 124 12.70 36.22 11.61
C ASN B 124 11.44 36.60 10.96
N GLY B 125 10.31 36.31 11.61
CA GLY B 125 8.99 36.78 11.18
C GLY B 125 8.25 35.77 10.33
N ILE B 126 8.81 34.57 10.25
CA ILE B 126 8.23 33.43 9.58
C ILE B 126 7.80 32.39 10.62
N ILE B 127 6.52 31.99 10.61
CA ILE B 127 6.06 30.87 11.41
C ILE B 127 6.58 29.57 10.83
N SER B 128 7.65 29.04 11.43
CA SER B 128 8.34 27.83 11.00
C SER B 128 7.41 26.67 11.31
N SER B 129 7.54 25.49 10.71
CA SER B 129 6.61 24.40 11.06
C SER B 129 6.81 23.82 12.48
N SER B 130 8.05 23.71 12.94
CA SER B 130 8.33 23.29 14.32
C SER B 130 7.65 24.20 15.34
N LYS B 131 7.46 25.47 14.97
CA LYS B 131 6.92 26.49 15.85
C LYS B 131 5.46 26.88 15.60
N LEU B 132 4.75 26.08 14.80
CA LEU B 132 3.35 26.37 14.45
C LEU B 132 2.43 26.06 15.63
N LEU B 133 2.63 24.91 16.27
CA LEU B 133 1.75 24.56 17.36
C LEU B 133 2.06 25.41 18.53
N SER B 134 3.33 25.70 18.74
CA SER B 134 3.64 26.63 19.80
C SER B 134 3.07 28.00 19.48
N THR B 135 3.06 28.34 18.20
CA THR B 135 2.69 29.67 17.80
C THR B 135 1.19 29.81 17.97
N ILE B 136 0.45 28.73 17.74
CA ILE B 136 -1.00 28.70 18.00
C ILE B 136 -1.27 28.85 19.50
N LYS B 137 -0.56 28.10 20.33
CA LYS B 137 -0.81 28.16 21.76
C LYS B 137 -0.21 29.37 22.47
N ASN B 138 1.00 29.81 22.10
CA ASN B 138 1.64 30.95 22.79
C ASN B 138 1.71 32.30 22.04
N GLY B 139 1.29 32.35 20.78
CA GLY B 139 1.45 33.58 20.02
C GLY B 139 2.85 33.79 19.44
N PRO B 140 2.97 34.71 18.48
CA PRO B 140 4.11 34.81 17.56
C PRO B 140 5.34 35.63 18.00
N THR B 141 5.60 35.76 19.29
CA THR B 141 6.67 36.69 19.71
C THR B 141 8.03 36.02 19.53
N LYS B 142 8.09 34.74 19.88
CA LYS B 142 9.29 33.95 19.74
C LYS B 142 9.66 33.88 18.27
N VAL B 143 8.67 34.14 17.42
CA VAL B 143 8.81 34.08 15.97
C VAL B 143 9.35 35.41 15.39
N PHE B 144 9.34 36.47 16.19
CA PHE B 144 10.04 37.71 15.84
C PHE B 144 11.32 37.94 16.70
N GLU B 145 11.95 36.83 17.14
CA GLU B 145 13.13 36.79 18.04
C GLU B 145 14.38 36.04 17.52
N PRO B 146 15.60 36.59 17.83
CA PRO B 146 16.93 35.97 17.49
C PRO B 146 17.25 34.53 17.99
N PHE B 155 28.44 17.55 22.39
CA PHE B 155 27.42 16.78 23.11
C PHE B 155 27.51 15.25 22.84
N GLY B 156 26.88 14.48 23.74
CA GLY B 156 26.35 13.13 23.47
C GLY B 156 24.94 13.39 24.00
N GLY B 157 24.05 12.42 24.15
CA GLY B 157 22.74 12.70 24.82
C GLY B 157 21.65 12.83 23.80
N PRO B 158 20.47 13.37 24.16
CA PRO B 158 19.34 13.20 23.24
C PRO B 158 19.38 14.06 21.98
N VAL B 159 19.90 15.28 22.05
CA VAL B 159 19.92 16.10 20.83
C VAL B 159 21.09 15.78 19.90
N ALA B 160 22.18 15.29 20.49
CA ALA B 160 23.32 14.80 19.75
C ALA B 160 22.90 13.53 19.03
N PHE B 161 22.20 12.67 19.76
CA PHE B 161 21.66 11.44 19.20
C PHE B 161 20.79 11.73 17.97
N GLY B 162 20.01 12.80 18.05
CA GLY B 162 19.16 13.24 16.95
C GLY B 162 19.91 13.49 15.65
N LEU B 163 20.95 14.31 15.72
CA LEU B 163 21.66 14.76 14.54
C LEU B 163 22.56 13.67 14.02
N ARG B 164 23.20 12.94 14.92
CA ARG B 164 24.14 11.89 14.58
C ARG B 164 23.51 10.81 13.71
N CYS B 165 22.21 10.57 13.94
CA CYS B 165 21.45 9.48 13.31
C CYS B 165 20.56 9.76 12.12
N GLU B 166 19.96 10.93 12.12
CA GLU B 166 19.15 11.43 11.02
C GLU B 166 19.53 10.99 9.59
N ASP B 167 20.83 10.93 9.34
CA ASP B 167 21.35 10.39 8.11
C ASP B 167 21.03 8.93 7.82
N THR B 168 21.70 8.04 8.55
CA THR B 168 21.43 6.61 8.53
C THR B 168 19.97 6.26 8.27
N VAL B 169 19.04 7.01 8.89
CA VAL B 169 17.60 6.75 8.76
C VAL B 169 17.03 7.17 7.42
N LYS B 170 17.61 8.20 6.84
CA LYS B 170 17.38 8.44 5.42
C LYS B 170 17.93 7.32 4.52
N ASP B 171 19.19 6.94 4.72
CA ASP B 171 19.76 5.80 4.00
C ASP B 171 18.83 4.63 3.99
N ILE B 172 18.29 4.31 5.16
CA ILE B 172 17.36 3.24 5.28
C ILE B 172 16.10 3.51 4.50
N VAL B 173 15.54 4.70 4.65
CA VAL B 173 14.30 5.05 3.97
C VAL B 173 14.50 5.01 2.46
N CYS B 174 15.48 5.76 2.00
CA CYS B 174 15.79 5.79 0.61
C CYS B 174 16.17 4.47 -0.01
N LYS B 175 17.24 3.86 0.48
CA LYS B 175 17.75 2.66 -0.16
C LYS B 175 16.83 1.44 0.04
N LEU B 176 16.41 1.22 1.29
CA LEU B 176 15.75 -0.02 1.65
C LEU B 176 14.23 -0.05 1.51
N ILE B 177 13.64 1.08 1.86
CA ILE B 177 12.23 1.20 1.93
C ILE B 177 11.68 1.64 0.61
N CYS B 178 12.48 2.36 -0.13
CA CYS B 178 12.13 2.75 -1.46
C CYS B 178 13.02 1.99 -2.39
N GLY B 179 13.58 2.62 -3.37
CA GLY B 179 14.37 1.81 -4.25
C GLY B 179 15.70 2.42 -4.46
N ASP B 180 15.67 3.71 -4.61
CA ASP B 180 16.85 4.36 -5.06
C ASP B 180 17.44 5.15 -4.00
N ALA B 181 18.67 4.85 -3.72
CA ALA B 181 19.52 5.77 -2.98
C ALA B 181 19.76 7.14 -3.65
N SER B 182 19.64 7.24 -4.97
CA SER B 182 19.72 8.54 -5.64
C SER B 182 18.46 9.39 -5.32
N ALA B 183 18.41 9.92 -4.11
CA ALA B 183 17.28 10.74 -3.65
C ALA B 183 17.84 11.99 -3.01
N ASN B 184 17.21 13.13 -3.31
CA ASN B 184 17.63 14.39 -2.74
C ASN B 184 17.33 14.41 -1.23
N ARG B 185 18.38 14.62 -0.44
CA ARG B 185 18.28 14.57 1.02
C ARG B 185 18.48 15.92 1.65
N GLN B 186 19.24 16.75 0.94
CA GLN B 186 19.55 18.12 1.33
C GLN B 186 18.45 19.11 0.89
N PHE B 187 17.87 19.83 1.83
CA PHE B 187 16.78 20.74 1.47
C PHE B 187 16.99 22.13 2.06
N GLY B 188 16.78 23.15 1.25
CA GLY B 188 16.91 24.51 1.74
C GLY B 188 15.73 24.92 2.58
N PHE B 189 15.60 26.22 2.74
CA PHE B 189 14.52 26.77 3.52
C PHE B 189 13.44 27.18 2.57
N MET B 190 12.26 26.57 2.72
CA MET B 190 11.17 26.77 1.77
C MET B 190 10.10 27.63 2.37
N ILE B 191 10.02 28.89 1.91
CA ILE B 191 8.92 29.82 2.28
C ILE B 191 7.61 29.41 1.58
N SER B 192 6.48 29.44 2.28
CA SER B 192 5.23 29.18 1.59
C SER B 192 4.94 30.33 0.68
N PRO B 193 4.91 30.05 -0.62
CA PRO B 193 5.05 31.03 -1.71
C PRO B 193 3.84 31.92 -1.82
N THR B 194 2.68 31.35 -1.52
CA THR B 194 1.39 31.99 -1.60
C THR B 194 1.09 32.89 -0.41
N ASP B 195 1.84 32.75 0.69
CA ASP B 195 1.54 33.56 1.89
C ASP B 195 2.74 34.31 2.50
N GLY B 196 3.95 33.80 2.33
CA GLY B 196 5.13 34.47 2.86
C GLY B 196 5.13 34.61 4.37
N ILE B 197 4.24 33.87 5.02
CA ILE B 197 4.16 33.87 6.45
C ILE B 197 4.80 32.60 7.00
N PHE B 198 4.56 31.46 6.34
CA PHE B 198 5.04 30.14 6.83
C PHE B 198 6.34 29.63 6.18
N GLY B 199 7.15 28.94 6.96
CA GLY B 199 8.32 28.30 6.41
C GLY B 199 8.32 26.82 6.68
N VAL B 200 9.12 26.09 5.91
CA VAL B 200 9.41 24.68 6.14
C VAL B 200 10.87 24.36 5.81
N SER B 201 11.42 23.39 6.54
CA SER B 201 12.61 22.62 6.08
C SER B 201 12.36 21.12 6.12
N LEU B 202 12.32 20.52 4.94
CA LEU B 202 12.07 19.10 4.84
C LEU B 202 13.19 18.26 5.47
N SER B 203 12.84 17.12 6.07
CA SER B 203 13.84 16.11 6.43
C SER B 203 14.21 15.41 5.14
N LEU B 204 13.34 14.54 4.69
CA LEU B 204 13.60 13.80 3.50
C LEU B 204 12.38 13.98 2.67
N CYS B 205 12.55 13.80 1.38
CA CYS B 205 11.43 13.77 0.48
C CYS B 205 11.83 12.96 -0.76
N VAL B 206 10.99 12.00 -1.13
CA VAL B 206 11.29 11.10 -2.22
C VAL B 206 10.50 11.43 -3.50
N ASN B 207 11.13 11.23 -4.66
CA ASN B 207 10.53 11.48 -5.95
C ASN B 207 10.58 12.96 -6.29
N VAL B 208 11.73 13.55 -6.00
CA VAL B 208 11.98 14.96 -6.34
C VAL B 208 12.92 15.03 -7.54
N GLU B 209 12.67 15.90 -8.50
CA GLU B 209 13.60 16.00 -9.63
C GLU B 209 14.39 17.29 -9.56
N SER B 210 15.27 17.51 -10.55
CA SER B 210 16.09 18.72 -10.63
C SER B 210 15.78 19.69 -11.77
N GLN B 211 16.39 20.85 -11.68
CA GLN B 211 16.41 21.86 -12.72
C GLN B 211 17.74 22.48 -12.43
N GLY B 212 18.82 21.70 -12.58
CA GLY B 212 20.13 22.17 -12.15
C GLY B 212 19.94 22.49 -10.68
N ASP B 213 20.06 23.79 -10.31
CA ASP B 213 20.04 24.25 -8.90
C ASP B 213 18.72 24.07 -8.15
N PHE B 214 17.64 23.94 -8.90
CA PHE B 214 16.30 23.86 -8.34
C PHE B 214 15.94 22.41 -8.10
N ILE B 215 14.89 22.19 -7.32
CA ILE B 215 14.38 20.87 -7.01
C ILE B 215 12.91 20.93 -7.35
N LEU B 216 12.52 20.17 -8.36
CA LEU B 216 11.13 20.13 -8.80
C LEU B 216 10.34 19.06 -8.07
N PHE B 217 9.51 19.46 -7.14
CA PHE B 217 8.70 18.46 -6.46
C PHE B 217 7.68 17.96 -7.43
N THR B 218 7.65 16.64 -7.64
CA THR B 218 6.68 16.05 -8.54
C THR B 218 5.43 15.71 -7.74
N ASP B 219 4.41 15.13 -8.37
CA ASP B 219 3.27 14.72 -7.55
C ASP B 219 3.27 13.24 -7.10
N ARG B 220 4.43 12.59 -7.21
CA ARG B 220 4.68 11.29 -6.57
C ARG B 220 5.61 11.56 -5.36
N SER B 221 5.58 12.80 -4.87
CA SER B 221 6.34 13.23 -3.68
C SER B 221 5.92 12.56 -2.38
N CYS B 222 6.92 12.00 -1.71
CA CYS B 222 6.75 11.41 -0.40
C CYS B 222 7.63 12.09 0.64
N ILE B 223 6.97 12.73 1.61
CA ILE B 223 7.60 13.41 2.74
C ILE B 223 7.84 12.42 3.84
N TYR B 224 9.02 12.49 4.45
CA TYR B 224 9.32 11.68 5.62
C TYR B 224 9.93 12.47 6.76
N GLU B 225 9.13 12.72 7.80
CA GLU B 225 9.60 13.36 9.01
C GLU B 225 10.36 12.35 9.88
N ILE B 226 11.65 12.57 10.13
CA ILE B 226 12.41 11.58 10.90
C ILE B 226 12.54 11.93 12.37
N LYS B 227 12.29 10.94 13.23
CA LYS B 227 12.50 11.04 14.68
C LYS B 227 13.23 9.81 15.18
N CYS B 228 14.33 10.02 15.91
CA CYS B 228 15.02 8.90 16.60
C CYS B 228 14.67 8.88 18.09
N ARG B 229 14.16 7.73 18.53
CA ARG B 229 13.63 7.61 19.86
C ARG B 229 14.77 7.27 20.77
N PHE B 230 15.34 8.33 21.33
CA PHE B 230 16.44 8.23 22.27
C PHE B 230 16.00 7.55 23.53
N LYS B 231 14.73 7.65 23.88
CA LYS B 231 14.30 6.96 25.06
C LYS B 231 14.18 5.41 24.92
N TYR B 232 14.53 4.92 23.72
CA TYR B 232 14.52 3.48 23.40
C TYR B 232 15.94 2.97 23.07
N LEU B 233 16.96 3.73 23.46
CA LEU B 233 18.33 3.29 23.26
C LEU B 233 18.57 2.20 24.28
N PHE B 234 19.35 1.19 23.90
CA PHE B 234 19.65 0.04 24.72
C PHE B 234 20.89 -0.71 24.23
N SER B 235 21.41 -1.63 25.04
CA SER B 235 22.59 -2.44 24.66
C SER B 235 22.23 -3.91 24.50
N LYS B 236 23.04 -4.58 23.67
CA LYS B 236 23.07 -6.04 23.58
C LYS B 236 23.82 -6.53 24.82
N SER B 237 23.10 -6.62 25.91
CA SER B 237 23.63 -7.02 27.21
C SER B 237 22.46 -7.73 27.83
N GLU B 238 22.66 -8.93 28.37
CA GLU B 238 21.58 -9.47 29.17
C GLU B 238 21.60 -8.93 30.61
N PHE B 239 21.69 -7.59 30.72
CA PHE B 239 21.50 -6.86 31.97
C PHE B 239 20.80 -5.52 31.64
N ASP B 240 20.53 -5.35 30.36
CA ASP B 240 19.73 -4.27 29.80
C ASP B 240 18.21 -4.63 29.87
N PRO B 241 17.34 -3.65 30.21
CA PRO B 241 15.89 -3.89 30.39
C PRO B 241 15.06 -4.06 29.12
N ILE B 242 15.49 -3.48 27.99
CA ILE B 242 14.73 -3.49 26.73
C ILE B 242 15.13 -4.71 25.98
N TYR B 243 16.42 -4.98 26.04
CA TYR B 243 17.04 -6.04 25.27
C TYR B 243 16.28 -7.37 25.13
N PRO B 244 15.78 -7.96 26.25
CA PRO B 244 15.05 -9.23 26.19
C PRO B 244 13.87 -9.15 25.24
N SER B 245 13.05 -8.12 25.44
CA SER B 245 11.81 -7.88 24.67
C SER B 245 12.12 -7.68 23.19
N TYR B 246 13.32 -7.17 22.99
CA TYR B 246 13.85 -7.00 21.69
C TYR B 246 14.25 -8.33 21.00
N THR B 247 14.98 -9.22 21.69
CA THR B 247 15.36 -10.48 21.01
C THR B 247 14.13 -11.28 20.78
N ALA B 248 13.12 -11.13 21.62
CA ALA B 248 11.81 -11.69 21.31
C ALA B 248 11.31 -11.10 20.02
N LEU B 249 11.34 -9.76 19.89
CA LEU B 249 10.88 -9.13 18.63
C LEU B 249 11.64 -9.68 17.43
N TYR B 250 12.95 -9.76 17.58
CA TYR B 250 13.83 -10.23 16.55
C TYR B 250 13.43 -11.61 16.05
N LYS B 251 13.35 -12.60 16.92
CA LYS B 251 12.98 -13.93 16.47
C LYS B 251 11.49 -14.17 16.20
N ARG B 252 10.61 -13.45 16.86
CA ARG B 252 9.21 -13.60 16.49
C ARG B 252 8.54 -12.26 16.23
N PRO B 253 8.79 -11.69 15.04
CA PRO B 253 8.26 -10.39 14.65
C PRO B 253 6.73 -10.34 14.45
N CYS B 254 6.05 -9.42 15.14
CA CYS B 254 4.64 -9.14 14.90
C CYS B 254 4.07 -8.17 15.91
N LYS B 255 2.77 -7.90 15.77
CA LYS B 255 2.08 -7.03 16.69
C LYS B 255 2.44 -7.39 18.12
N ARG B 256 2.11 -8.61 18.53
CA ARG B 256 2.23 -9.00 19.93
C ARG B 256 3.60 -8.75 20.51
N SER B 257 4.63 -9.11 19.76
CA SER B 257 6.00 -8.91 20.14
C SER B 257 6.38 -7.45 20.18
N PHE B 258 6.01 -6.72 19.14
CA PHE B 258 6.24 -5.31 19.07
C PHE B 258 5.55 -4.51 20.19
N ILE B 259 4.38 -4.95 20.64
CA ILE B 259 3.69 -4.26 21.74
C ILE B 259 4.60 -4.29 22.94
N ARG B 260 5.19 -5.45 23.19
CA ARG B 260 6.00 -5.62 24.37
C ARG B 260 7.28 -4.81 24.31
N PHE B 261 7.76 -4.59 23.09
CA PHE B 261 8.92 -3.73 22.85
C PHE B 261 8.54 -2.26 23.13
N ILE B 262 7.54 -1.74 22.42
CA ILE B 262 7.07 -0.40 22.70
C ILE B 262 6.92 -0.16 24.20
N ASN B 263 6.38 -1.17 24.89
CA ASN B 263 6.04 -1.12 26.31
C ASN B 263 7.13 -1.50 27.29
N SER B 264 8.35 -1.66 26.79
CA SER B 264 9.46 -2.01 27.64
C SER B 264 10.09 -0.81 28.38
N ILE B 265 9.60 0.39 28.14
CA ILE B 265 10.16 1.56 28.79
C ILE B 265 9.08 2.23 29.66
N ALA B 266 9.52 3.13 30.53
CA ALA B 266 8.63 3.77 31.49
C ALA B 266 7.51 4.60 30.83
N ARG B 267 7.85 5.27 29.75
CA ARG B 267 6.95 6.18 29.07
C ARG B 267 6.78 5.76 27.60
N PRO B 268 5.88 4.79 27.30
CA PRO B 268 5.83 4.24 25.94
C PRO B 268 5.30 5.26 24.94
N THR B 269 5.70 5.08 23.69
CA THR B 269 5.51 6.07 22.67
C THR B 269 4.20 5.84 21.92
N VAL B 270 3.60 4.66 22.04
CA VAL B 270 2.27 4.42 21.47
C VAL B 270 1.31 4.46 22.65
N GLU B 271 0.14 5.06 22.44
CA GLU B 271 -0.89 5.13 23.47
C GLU B 271 -2.20 4.57 22.93
N TYR B 272 -2.81 3.67 23.70
CA TYR B 272 -4.14 3.17 23.38
C TYR B 272 -5.26 4.18 23.80
N VAL B 273 -5.89 4.79 22.81
CA VAL B 273 -7.06 5.58 23.08
C VAL B 273 -8.18 5.14 22.16
N PRO B 274 -9.27 4.66 22.79
CA PRO B 274 -10.44 4.09 22.12
C PRO B 274 -11.28 5.19 21.49
N ASP B 275 -11.77 4.94 20.28
CA ASP B 275 -12.55 5.91 19.48
C ASP B 275 -13.44 6.80 20.35
N GLY B 276 -13.37 8.13 20.18
CA GLY B 276 -14.26 9.06 20.89
C GLY B 276 -13.80 9.46 22.30
N ARG B 277 -12.61 8.99 22.66
CA ARG B 277 -11.82 9.50 23.77
C ARG B 277 -10.70 10.45 23.30
N LEU B 278 -10.38 11.41 24.14
CA LEU B 278 -9.36 12.37 23.84
C LEU B 278 -8.03 11.68 24.21
N PRO B 279 -7.03 11.73 23.30
CA PRO B 279 -5.70 11.25 23.62
C PRO B 279 -4.95 12.22 24.51
N SER B 280 -4.07 11.70 25.36
CA SER B 280 -3.19 12.57 26.15
C SER B 280 -2.12 13.27 25.29
N GLU B 281 -1.00 13.64 25.88
CA GLU B 281 0.02 14.34 25.10
C GLU B 281 1.43 13.74 25.17
N GLY B 282 1.57 12.66 25.95
CA GLY B 282 2.84 11.91 26.13
C GLY B 282 3.81 11.94 24.95
N ASP B 283 3.40 11.27 23.88
CA ASP B 283 3.89 11.61 22.54
C ASP B 283 2.92 11.25 21.41
N TYR B 284 3.45 10.98 20.23
CA TYR B 284 2.72 11.24 19.03
C TYR B 284 2.12 10.06 18.35
N LEU B 285 2.25 8.88 18.92
CA LEU B 285 1.59 7.71 18.32
C LEU B 285 0.38 7.21 19.14
N LEU B 286 -0.68 6.86 18.44
CA LEU B 286 -1.87 6.36 19.08
C LEU B 286 -2.22 5.06 18.41
N THR B 287 -3.16 4.33 19.01
CA THR B 287 -3.75 3.15 18.40
C THR B 287 -5.07 2.84 19.07
N GLN B 288 -6.03 2.42 18.27
CA GLN B 288 -7.31 2.03 18.79
C GLN B 288 -7.39 0.51 18.84
N ASP B 289 -6.56 -0.14 18.02
CA ASP B 289 -6.47 -1.59 18.01
C ASP B 289 -6.35 -2.10 19.44
N GLU B 290 -7.27 -2.98 19.82
CA GLU B 290 -7.48 -3.49 21.21
C GLU B 290 -6.31 -4.17 21.90
N ALA B 291 -5.62 -5.03 21.16
CA ALA B 291 -4.44 -5.78 21.66
C ALA B 291 -3.46 -4.94 22.47
N TRP B 292 -3.61 -3.62 22.36
CA TRP B 292 -2.68 -2.62 22.85
C TRP B 292 -3.13 -2.04 24.16
N ASN B 293 -3.79 -2.83 25.00
CA ASN B 293 -4.45 -2.22 26.15
C ASN B 293 -4.19 -2.86 27.54
N LEU B 294 -3.86 -2.00 28.51
CA LEU B 294 -3.93 -2.36 29.94
C LEU B 294 -4.67 -1.29 30.72
N LYS B 295 -5.97 -1.57 30.86
CA LYS B 295 -7.08 -0.60 31.04
C LYS B 295 -6.83 0.64 31.91
N ASP B 296 -7.97 1.31 32.27
CA ASP B 296 -8.06 2.66 32.95
C ASP B 296 -8.82 3.49 31.89
N VAL B 297 -9.41 4.63 32.24
CA VAL B 297 -10.16 5.39 31.21
C VAL B 297 -9.56 6.76 30.84
N ARG B 298 -10.13 7.25 29.72
CA ARG B 298 -9.77 8.48 29.03
C ARG B 298 -10.88 9.53 28.88
N LYS B 299 -10.65 10.82 29.33
CA LYS B 299 -11.71 11.80 29.15
C LYS B 299 -12.40 11.64 27.80
N ARG B 300 -13.68 11.73 27.69
CA ARG B 300 -14.31 11.61 26.41
C ARG B 300 -14.12 12.87 25.62
N LYS B 301 -14.26 12.71 24.33
CA LYS B 301 -14.04 13.81 23.45
C LYS B 301 -14.89 14.90 22.99
N LEU B 302 -15.63 14.64 21.95
CA LEU B 302 -16.77 15.44 21.55
C LEU B 302 -16.54 16.91 21.17
N GLY B 303 -17.65 17.63 20.96
CA GLY B 303 -17.62 19.06 20.62
C GLY B 303 -17.43 19.95 21.83
N PRO B 304 -16.30 19.95 22.38
CA PRO B 304 -15.83 20.97 23.33
C PRO B 304 -14.59 21.69 22.81
N GLY B 305 -14.74 22.30 21.55
CA GLY B 305 -13.67 22.57 20.59
C GLY B 305 -12.50 21.62 20.75
N HIS B 306 -12.85 20.35 20.70
CA HIS B 306 -12.03 19.23 20.38
C HIS B 306 -12.40 18.77 18.99
N ASP B 307 -13.29 19.55 18.37
CA ASP B 307 -13.73 19.38 16.99
C ASP B 307 -12.57 19.20 16.02
N LEU B 308 -11.53 20.01 16.18
CA LEU B 308 -10.34 19.91 15.34
C LEU B 308 -9.62 18.59 15.56
N VAL B 309 -9.33 18.28 16.82
CA VAL B 309 -8.73 17.00 17.14
C VAL B 309 -9.63 15.84 16.76
N ALA B 310 -10.93 16.09 16.65
CA ALA B 310 -11.92 15.05 16.37
C ALA B 310 -12.00 14.67 14.89
N ASP B 311 -11.93 15.68 14.02
CA ASP B 311 -11.87 15.44 12.58
C ASP B 311 -10.59 14.73 12.16
N SER B 312 -9.48 15.12 12.77
CA SER B 312 -8.20 14.57 12.47
C SER B 312 -8.10 13.13 12.96
N LEU B 313 -8.58 12.90 14.18
CA LEU B 313 -8.58 11.55 14.76
C LEU B 313 -9.34 10.61 13.87
N ALA B 314 -10.52 11.07 13.46
CA ALA B 314 -11.39 10.40 12.50
C ALA B 314 -10.67 9.98 11.19
N ALA B 315 -10.28 10.96 10.37
CA ALA B 315 -9.45 10.73 9.17
C ALA B 315 -8.22 9.78 9.31
N ASN B 316 -7.65 9.65 10.53
CA ASN B 316 -6.35 8.97 10.74
C ASN B 316 -6.31 7.58 11.34
N ARG B 317 -7.42 7.14 11.88
CA ARG B 317 -7.43 5.92 12.67
C ARG B 317 -7.83 4.75 11.82
N GLY B 318 -7.30 4.66 10.61
CA GLY B 318 -7.57 3.55 9.73
C GLY B 318 -6.21 3.25 9.19
N VAL B 319 -5.42 4.33 9.06
CA VAL B 319 -3.97 4.31 8.85
C VAL B 319 -3.35 3.09 9.46
N GLU B 320 -2.63 2.35 8.63
CA GLU B 320 -1.76 1.28 9.11
C GLU B 320 -0.25 1.55 8.79
N SER B 321 0.57 1.44 9.82
CA SER B 321 1.97 1.76 9.68
C SER B 321 2.73 0.50 9.37
N MET B 322 3.91 0.65 8.77
CA MET B 322 4.78 -0.49 8.53
C MET B 322 5.96 -0.54 9.47
N LEU B 323 6.11 -1.66 10.15
CA LEU B 323 7.27 -1.86 10.97
C LEU B 323 8.32 -2.65 10.17
N TYR B 324 9.57 -2.21 10.29
CA TYR B 324 10.70 -2.84 9.61
C TYR B 324 11.70 -3.27 10.62
N VAL B 325 11.80 -4.58 10.80
CA VAL B 325 12.83 -5.12 11.68
C VAL B 325 14.09 -5.31 10.84
N MET B 326 15.20 -4.70 11.27
CA MET B 326 16.48 -4.82 10.54
C MET B 326 17.13 -6.12 10.97
N THR B 327 18.10 -6.57 10.18
CA THR B 327 18.95 -7.73 10.55
C THR B 327 20.06 -7.23 11.45
N ASP B 328 20.51 -8.12 12.34
CA ASP B 328 21.55 -7.80 13.31
C ASP B 328 22.94 -7.97 12.71
N PRO B 329 23.67 -6.85 12.50
CA PRO B 329 24.98 -6.84 11.86
C PRO B 329 25.98 -7.84 12.46
N SER B 330 25.91 -8.07 13.79
CA SER B 330 26.74 -9.09 14.47
C SER B 330 26.44 -10.51 13.99
N GLU B 331 25.16 -10.91 14.03
CA GLU B 331 24.74 -12.24 13.56
C GLU B 331 24.79 -12.48 12.04
N ASN B 332 25.29 -11.51 11.27
CA ASN B 332 25.08 -11.50 9.82
C ASN B 332 26.18 -10.92 9.00
N ALA B 333 27.42 -11.09 9.43
CA ALA B 333 28.63 -10.55 8.77
C ALA B 333 28.47 -9.08 8.37
N GLY B 334 27.98 -8.27 9.29
CA GLY B 334 27.90 -6.82 9.12
C GLY B 334 26.81 -6.30 8.20
N ARG B 335 25.76 -7.08 7.96
CA ARG B 335 24.68 -6.62 7.08
C ARG B 335 23.49 -6.12 7.83
N ILE B 336 23.05 -4.93 7.46
CA ILE B 336 21.78 -4.44 7.97
C ILE B 336 20.85 -4.37 6.79
N GLY B 337 19.97 -5.35 6.67
CA GLY B 337 18.89 -5.34 5.66
C GLY B 337 17.55 -5.43 6.36
N ILE B 338 16.47 -5.17 5.63
CA ILE B 338 15.15 -5.46 6.20
C ILE B 338 14.95 -6.99 6.40
N LYS B 339 15.14 -7.42 7.62
CA LYS B 339 14.85 -8.79 7.95
C LYS B 339 13.33 -9.06 7.85
N ASP B 340 12.50 -8.14 8.34
CA ASP B 340 11.04 -8.31 8.37
C ASP B 340 10.18 -7.05 8.20
N ARG B 341 9.01 -7.26 7.59
CA ARG B 341 8.05 -6.20 7.36
C ARG B 341 6.66 -6.34 7.99
N VAL B 342 6.58 -6.24 9.31
CA VAL B 342 5.32 -6.37 10.05
C VAL B 342 4.39 -5.15 9.86
N PRO B 343 3.16 -5.35 9.34
CA PRO B 343 2.28 -4.17 9.32
C PRO B 343 1.54 -4.07 10.65
N VAL B 344 1.29 -2.84 11.07
CA VAL B 344 0.66 -2.55 12.36
C VAL B 344 -0.34 -1.41 12.29
N ASN B 345 -1.21 -1.39 13.28
CA ASN B 345 -2.30 -0.46 13.35
C ASN B 345 -1.93 0.63 14.33
N ILE B 346 -1.19 1.63 13.85
CA ILE B 346 -0.74 2.74 14.67
C ILE B 346 -0.93 3.97 13.79
N PHE B 347 -1.42 5.04 14.39
CA PHE B 347 -1.58 6.28 13.66
C PHE B 347 -1.11 7.45 14.53
N ILE B 348 -1.33 8.66 14.03
CA ILE B 348 -0.70 9.87 14.55
C ILE B 348 -1.57 10.56 15.60
N ASN B 349 -0.93 11.27 16.55
CA ASN B 349 -1.63 12.01 17.57
C ASN B 349 -1.90 13.43 17.11
N PRO B 350 -3.15 13.73 16.71
CA PRO B 350 -3.42 15.05 16.14
C PRO B 350 -3.30 16.17 17.19
N ARG B 351 -3.09 15.78 18.44
CA ARG B 351 -2.81 16.74 19.49
C ARG B 351 -1.32 17.14 19.57
N HIS B 352 -0.44 16.27 19.08
CA HIS B 352 0.97 16.41 19.32
C HIS B 352 1.59 17.38 18.36
N ASN B 353 2.65 18.04 18.84
CA ASN B 353 3.50 18.96 18.08
C ASN B 353 3.84 18.50 16.64
N TYR B 354 4.16 17.21 16.47
CA TYR B 354 4.53 16.60 15.17
C TYR B 354 3.44 16.56 14.14
N PHE B 355 2.20 16.47 14.61
CA PHE B 355 1.06 16.57 13.73
C PHE B 355 0.93 17.93 12.99
N TYR B 356 1.25 19.04 13.68
CA TYR B 356 1.33 20.36 13.06
C TYR B 356 2.58 20.52 12.19
N GLN B 357 3.73 20.11 12.72
CA GLN B 357 4.97 20.16 11.97
C GLN B 357 4.82 19.53 10.58
N VAL B 358 4.19 18.34 10.58
CA VAL B 358 4.01 17.54 9.36
C VAL B 358 2.84 18.04 8.49
N LEU B 359 1.86 18.72 9.11
CA LEU B 359 0.76 19.38 8.39
C LEU B 359 1.21 20.59 7.55
N LEU B 360 1.97 21.49 8.15
CA LEU B 360 2.63 22.52 7.39
C LEU B 360 3.61 21.97 6.30
N GLN B 361 4.42 20.95 6.63
CA GLN B 361 5.29 20.32 5.65
C GLN B 361 4.51 19.87 4.43
N TYR B 362 3.30 19.40 4.67
CA TYR B 362 2.45 18.88 3.63
C TYR B 362 1.78 20.00 2.87
N LYS B 363 1.39 21.04 3.59
CA LYS B 363 0.77 22.21 2.98
C LYS B 363 1.71 22.98 2.02
N ILE B 364 2.94 23.24 2.46
CA ILE B 364 3.87 23.99 1.63
C ILE B 364 4.29 23.18 0.40
N VAL B 365 4.64 21.91 0.61
CA VAL B 365 5.03 21.06 -0.53
C VAL B 365 3.90 20.88 -1.55
N GLY B 366 2.66 20.79 -1.04
CA GLY B 366 1.47 20.83 -1.89
C GLY B 366 1.57 22.01 -2.85
N ASP B 367 1.74 23.21 -2.27
CA ASP B 367 1.85 24.49 -3.00
C ASP B 367 2.91 24.44 -4.07
N TYR B 368 4.13 24.05 -3.67
CA TYR B 368 5.26 23.93 -4.60
C TYR B 368 4.94 23.00 -5.74
N VAL B 369 4.50 21.78 -5.41
CA VAL B 369 4.14 20.77 -6.40
C VAL B 369 3.18 21.36 -7.44
N ARG B 370 2.18 22.08 -6.95
CA ARG B 370 1.10 22.66 -7.72
C ARG B 370 1.53 23.70 -8.70
N HIS B 371 2.12 24.76 -8.19
CA HIS B 371 2.67 25.81 -9.03
C HIS B 371 4.11 25.62 -9.48
N SER B 372 4.47 24.41 -9.91
CA SER B 372 5.78 24.23 -10.49
C SER B 372 5.70 23.24 -11.63
N GLY B 373 5.46 23.73 -12.86
CA GLY B 373 5.42 22.87 -14.07
C GLY B 373 4.45 21.69 -13.98
N GLY B 374 4.20 21.27 -12.71
CA GLY B 374 3.14 20.34 -12.27
C GLY B 374 1.72 20.92 -12.43
N GLY B 375 0.85 20.63 -11.47
CA GLY B 375 -0.58 20.82 -11.72
C GLY B 375 -1.06 19.44 -12.10
N LYS B 376 -2.21 19.35 -12.82
CA LYS B 376 -3.02 18.04 -12.98
C LYS B 376 -4.19 17.92 -14.04
N ASP B 380 -4.78 14.77 -8.92
CA ASP B 380 -4.19 15.94 -8.28
C ASP B 380 -2.72 15.70 -7.85
N CYS B 381 -2.37 15.95 -6.60
CA CYS B 381 -1.14 16.67 -6.44
C CYS B 381 -0.55 16.90 -5.03
N SER B 382 -1.37 16.72 -3.98
CA SER B 382 -0.85 16.63 -2.59
C SER B 382 0.13 15.44 -2.39
N PRO B 383 1.27 15.70 -1.75
CA PRO B 383 2.19 14.59 -1.61
C PRO B 383 1.63 13.65 -0.56
N ARG B 384 2.36 12.58 -0.23
CA ARG B 384 2.06 11.79 0.95
C ARG B 384 3.02 12.24 2.01
N VAL B 385 2.56 12.19 3.26
CA VAL B 385 3.39 12.48 4.44
C VAL B 385 3.55 11.22 5.29
N ASN B 386 4.74 11.00 5.84
CA ASN B 386 4.97 9.95 6.84
C ASN B 386 5.91 10.33 7.96
N ILE B 387 5.80 9.68 9.09
CA ILE B 387 6.79 9.83 10.10
C ILE B 387 7.44 8.51 10.15
N VAL B 388 8.74 8.50 9.97
CA VAL B 388 9.67 7.48 10.35
C VAL B 388 10.05 7.67 11.83
N THR B 389 9.99 6.57 12.57
CA THR B 389 10.24 6.50 13.99
C THR B 389 11.35 5.45 14.17
N ALA B 390 12.59 5.91 14.29
CA ALA B 390 13.72 5.03 14.18
C ALA B 390 14.23 4.52 15.52
N PHE B 391 14.47 3.23 15.59
CA PHE B 391 14.93 2.61 16.81
C PHE B 391 16.35 2.18 16.61
N PHE B 392 17.20 2.56 17.56
CA PHE B 392 18.60 2.18 17.55
C PHE B 392 18.96 1.45 18.83
N ARG B 393 20.06 0.73 18.75
CA ARG B 393 20.73 0.16 19.90
C ARG B 393 22.16 0.66 19.85
N LYS B 394 22.88 0.40 20.95
CA LYS B 394 24.30 0.74 21.06
C LYS B 394 25.20 -0.35 20.47
N ARG B 395 26.45 0.01 20.17
CA ARG B 395 27.38 -0.89 19.51
C ARG B 395 27.93 -1.94 20.49
N SER B 396 27.71 -3.23 20.20
CA SER B 396 28.27 -4.35 21.00
C SER B 396 29.81 -4.47 20.79
N PRO B 397 30.54 -5.18 21.69
CA PRO B 397 31.93 -5.52 21.29
C PRO B 397 31.90 -6.59 20.19
N LEU B 398 30.96 -7.53 20.33
CA LEU B 398 30.56 -8.55 19.32
C LEU B 398 30.37 -8.09 17.86
N ASP B 399 29.85 -6.88 17.64
CA ASP B 399 29.58 -6.33 16.29
C ASP B 399 30.87 -6.10 15.50
N PRO B 400 30.85 -6.44 14.19
CA PRO B 400 31.99 -6.20 13.31
C PRO B 400 32.29 -4.71 13.30
N ALA B 401 33.57 -4.36 13.14
CA ALA B 401 34.00 -2.97 13.07
C ALA B 401 33.33 -2.25 11.91
N THR B 402 33.06 -2.97 10.82
CA THR B 402 32.45 -2.35 9.66
C THR B 402 31.06 -2.90 9.28
N CYS B 403 30.21 -2.01 8.77
CA CYS B 403 28.80 -2.32 8.49
C CYS B 403 28.20 -1.68 7.28
N THR B 404 27.54 -2.51 6.47
CA THR B 404 26.78 -2.01 5.32
C THR B 404 25.27 -2.08 5.53
N LEU B 405 24.58 -1.01 5.18
CA LEU B 405 23.17 -1.12 5.05
C LEU B 405 23.00 -1.75 3.69
N GLY B 406 22.08 -2.70 3.60
CA GLY B 406 21.90 -3.46 2.36
C GLY B 406 23.08 -4.36 2.10
N SER B 407 23.68 -4.22 0.92
CA SER B 407 24.81 -5.07 0.59
C SER B 407 26.15 -4.31 0.57
N ASP B 408 26.08 -2.99 0.53
CA ASP B 408 27.14 -2.25 -0.19
C ASP B 408 27.19 -0.78 0.16
N LEU B 409 26.26 -0.33 0.98
CA LEU B 409 26.36 0.99 1.56
C LEU B 409 27.08 0.88 2.90
N LEU B 410 28.21 1.56 3.01
CA LEU B 410 28.91 1.70 4.29
C LEU B 410 27.94 2.26 5.33
N LEU B 411 28.25 2.09 6.61
CA LEU B 411 27.48 2.73 7.67
C LEU B 411 28.51 3.45 8.50
N ASP B 412 28.26 4.71 8.85
CA ASP B 412 29.22 5.46 9.66
C ASP B 412 29.64 4.74 10.96
N ALA B 413 30.93 4.73 11.25
CA ALA B 413 31.46 4.04 12.44
C ALA B 413 31.13 4.72 13.79
N SER B 414 30.71 5.98 13.74
CA SER B 414 30.29 6.68 14.96
C SER B 414 28.78 6.50 15.30
N VAL B 415 27.97 6.29 14.28
CA VAL B 415 26.53 6.09 14.39
C VAL B 415 26.15 4.73 15.05
N GLU B 416 25.03 4.71 15.79
CA GLU B 416 24.48 3.53 16.49
C GLU B 416 23.85 2.56 15.55
N ILE B 417 23.47 1.39 16.02
CA ILE B 417 22.93 0.41 15.11
C ILE B 417 21.42 0.56 14.94
N PRO B 418 20.96 0.75 13.70
CA PRO B 418 19.51 0.75 13.41
C PRO B 418 18.86 -0.62 13.58
N VAL B 419 17.78 -0.63 14.34
CA VAL B 419 17.28 -1.84 14.87
C VAL B 419 15.87 -2.02 14.31
N ALA B 420 15.04 -1.00 14.45
CA ALA B 420 13.74 -0.99 13.84
C ALA B 420 13.60 0.30 13.07
N VAL B 421 12.63 0.32 12.18
CA VAL B 421 12.12 1.56 11.60
C VAL B 421 10.60 1.41 11.45
N LEU B 422 9.85 2.37 12.01
CA LEU B 422 8.38 2.37 11.91
C LEU B 422 7.88 3.57 11.16
N VAL B 423 7.51 3.37 9.90
CA VAL B 423 6.90 4.43 9.13
C VAL B 423 5.37 4.47 9.30
N THR B 424 4.84 5.67 9.54
CA THR B 424 3.43 5.96 9.83
C THR B 424 2.89 6.96 8.81
N PRO B 425 1.95 6.54 7.96
CA PRO B 425 1.26 7.55 7.14
C PRO B 425 0.48 8.56 7.99
N VAL B 426 0.57 9.84 7.64
CA VAL B 426 -0.37 10.82 8.21
C VAL B 426 -1.39 11.23 7.15
N VAL B 427 -2.65 11.33 7.58
CA VAL B 427 -3.82 11.81 6.77
C VAL B 427 -4.26 13.22 7.23
N LEU B 428 -4.52 14.17 6.31
CA LEU B 428 -4.67 15.59 6.70
C LEU B 428 -5.88 16.34 6.10
N PRO B 429 -7.05 16.33 6.78
CA PRO B 429 -8.25 16.86 6.14
C PRO B 429 -8.09 18.33 5.88
N ASP B 430 -8.37 18.71 4.63
CA ASP B 430 -8.21 20.07 4.20
C ASP B 430 -8.97 21.02 5.11
N SER B 431 -10.13 20.52 5.54
CA SER B 431 -10.84 20.99 6.72
C SER B 431 -9.91 21.53 7.84
N VAL B 432 -9.06 20.65 8.36
CA VAL B 432 -8.16 20.95 9.48
C VAL B 432 -7.06 21.93 9.08
N ILE B 433 -6.50 21.72 7.87
CA ILE B 433 -5.39 22.53 7.38
C ILE B 433 -5.83 23.98 7.31
N ARG B 434 -6.93 24.26 6.62
CA ARG B 434 -7.50 25.61 6.53
C ARG B 434 -7.66 26.25 7.88
N LYS B 435 -8.27 25.49 8.80
CA LYS B 435 -8.66 25.98 10.11
C LYS B 435 -7.49 26.31 11.05
N THR B 436 -6.46 25.45 11.00
CA THR B 436 -5.23 25.60 11.80
C THR B 436 -4.46 26.81 11.33
N LEU B 437 -3.95 26.72 10.08
CA LEU B 437 -3.15 27.76 9.43
C LEU B 437 -3.83 29.11 9.51
N SER B 438 -5.15 29.07 9.57
CA SER B 438 -5.93 30.29 9.60
C SER B 438 -5.87 30.98 10.96
N THR B 439 -6.13 30.24 12.02
CA THR B 439 -6.03 30.84 13.34
C THR B 439 -4.56 31.24 13.59
N ALA B 440 -3.62 30.47 13.02
CA ALA B 440 -2.18 30.76 13.15
C ALA B 440 -1.86 32.10 12.50
N ALA B 441 -2.34 32.33 11.26
CA ALA B 441 -2.01 33.54 10.49
C ALA B 441 -2.60 34.82 11.07
N GLY B 442 -3.76 34.69 11.71
CA GLY B 442 -4.39 35.82 12.41
C GLY B 442 -3.60 36.18 13.65
N SER B 443 -2.95 35.17 14.23
CA SER B 443 -2.06 35.36 15.35
C SER B 443 -0.84 36.17 14.89
N TRP B 444 -0.45 35.95 13.62
CA TRP B 444 0.66 36.66 13.01
C TRP B 444 0.22 38.10 12.84
N LYS B 445 -0.72 38.34 11.94
CA LYS B 445 -1.37 39.65 11.83
C LYS B 445 -1.46 40.34 13.18
N ALA B 446 -2.20 39.72 14.10
CA ALA B 446 -2.38 40.17 15.48
C ALA B 446 -1.23 40.99 16.01
N TYR B 447 -0.06 40.38 16.00
CA TYR B 447 1.12 40.94 16.64
C TYR B 447 1.74 41.99 15.71
N ALA B 448 1.94 41.63 14.46
CA ALA B 448 2.43 42.58 13.48
C ALA B 448 1.70 43.92 13.67
N ASP B 449 0.40 43.89 13.99
CA ASP B 449 -0.43 45.13 14.03
C ASP B 449 0.11 46.11 15.03
N ASN B 450 0.29 45.63 16.26
CA ASN B 450 0.79 46.49 17.31
C ASN B 450 2.23 46.19 17.60
N THR B 451 3.01 46.02 16.55
CA THR B 451 4.47 46.01 16.64
C THR B 451 4.99 46.95 15.56
N PHE B 452 4.15 47.14 14.55
CA PHE B 452 4.46 47.94 13.38
C PHE B 452 3.37 48.98 13.15
N ASP B 453 3.80 50.18 12.79
CA ASP B 453 2.92 51.21 12.24
C ASP B 453 2.27 50.76 10.97
N THR B 454 2.71 49.64 10.40
CA THR B 454 2.32 49.37 9.06
C THR B 454 2.10 47.90 8.75
N ALA B 455 1.82 47.09 9.77
CA ALA B 455 1.64 45.65 9.57
C ALA B 455 1.14 45.32 8.14
N PRO B 456 1.81 44.41 7.42
CA PRO B 456 1.28 43.97 6.14
C PRO B 456 -0.05 43.17 6.27
N TRP B 457 -0.96 43.32 5.32
CA TRP B 457 -2.20 42.54 5.34
C TRP B 457 -2.00 41.08 4.91
N VAL B 458 -2.60 40.14 5.64
CA VAL B 458 -2.54 38.72 5.30
C VAL B 458 -3.35 38.40 4.00
N PRO B 459 -2.83 37.51 3.12
CA PRO B 459 -3.70 36.98 2.03
C PRO B 459 -5.03 36.39 2.56
N SER B 460 -6.17 36.73 1.94
CA SER B 460 -7.52 36.25 2.36
C SER B 460 -7.81 34.73 2.13
N GLY B 461 -6.76 33.94 1.88
CA GLY B 461 -6.87 32.50 1.75
C GLY B 461 -6.48 31.88 3.07
N LEU B 462 -6.10 32.75 4.00
CA LEU B 462 -5.69 32.39 5.35
C LEU B 462 -6.50 33.33 6.27
N PHE B 463 -7.15 34.28 5.75
#